data_7MGK
#
_entry.id   7MGK
#
_cell.length_a   64.673
_cell.length_b   75.072
_cell.length_c   95.235
_cell.angle_alpha   83.280
_cell.angle_beta   85.950
_cell.angle_gamma   74.790
#
_symmetry.space_group_name_H-M   'P 1'
#
loop_
_entity.id
_entity.type
_entity.pdbx_description
1 polymer 'Serine/threonine-protein kinase TNNI3K'
2 non-polymer "N-(3,5-dichloro-4-{[6-(methylamino)pyrimidin-4-yl]oxy}phenyl)-N'-[3-(trifluoromethyl)phenyl]urea"
3 water water
#
_entity_poly.entity_id   1
_entity_poly.type   'polypeptide(L)'
_entity_poly.pdbx_seq_one_letter_code
;GGDGSYVSVPSPLGKIKSMTKEKADILLLRAGLPSHFHLQLSEIEFHEIIGSGSFGKVYKGRCRNKIVAIKRYRANTYCS
KSDVDMFCREVSILCQLNHPCVIQFVGACLNDPSQFAIVTQYISGGSLFSLLHEQKRILDLQSKLIIAVDVAKGMEYLHN
LTQPIIHRDLNSHNILLYEDGHAVVADFGESRFLQSLDEDNMTKQPGNLRWMAPEVFTQCTRYTIKADVFSYALCLWEIL
TGEIPFAHLKPAAAAADMAYHHIRPPIGYSIPKPISSLLIRGWNACPEGRPEFSEVVMKLEECLCNIELMS
;
_entity_poly.pdbx_strand_id   A,B,C,D
#
# COMPACT_ATOMS: atom_id res chain seq x y z
N ASP A 25 24.31 35.80 17.53
CA ASP A 25 23.86 34.68 16.70
C ASP A 25 24.98 34.17 15.80
N ILE A 26 25.64 35.10 15.11
CA ILE A 26 26.81 34.80 14.29
C ILE A 26 27.97 34.37 15.18
N LEU A 27 28.07 35.00 16.35
CA LEU A 27 29.10 34.65 17.32
C LEU A 27 28.97 33.20 17.77
N LEU A 28 27.74 32.73 17.87
CA LEU A 28 27.46 31.35 18.25
C LEU A 28 27.97 30.39 17.18
N LEU A 29 27.92 30.83 15.93
CA LEU A 29 28.39 30.02 14.80
C LEU A 29 29.91 30.00 14.79
N ARG A 30 30.51 31.17 14.96
CA ARG A 30 31.96 31.31 15.04
C ARG A 30 32.58 30.35 16.06
N ALA A 31 31.91 30.19 17.20
CA ALA A 31 32.42 29.33 18.27
C ALA A 31 32.25 27.84 17.99
N GLY A 32 31.13 27.47 17.38
CA GLY A 32 30.86 26.07 17.11
C GLY A 32 31.64 25.57 15.92
N LEU A 33 32.09 26.49 15.08
CA LEU A 33 32.82 26.13 13.86
C LEU A 33 34.30 25.92 14.15
N PRO A 34 34.80 24.70 13.87
CA PRO A 34 36.21 24.36 14.05
C PRO A 34 37.13 25.42 13.46
N SER A 35 38.20 25.77 14.19
CA SER A 35 39.06 26.89 13.83
C SER A 35 39.62 26.84 12.42
N HIS A 36 40.01 25.65 11.96
CA HIS A 36 40.61 25.52 10.63
C HIS A 36 39.65 25.92 9.50
N PHE A 37 38.36 25.99 9.80
CA PHE A 37 37.36 26.39 8.82
C PHE A 37 37.22 27.90 8.71
N HIS A 38 37.90 28.64 9.59
CA HIS A 38 37.81 30.10 9.60
C HIS A 38 38.66 30.72 8.51
N LEU A 39 37.99 31.30 7.51
CA LEU A 39 38.69 31.93 6.40
C LEU A 39 38.63 33.44 6.52
N GLN A 40 39.68 34.09 6.04
CA GLN A 40 39.67 35.54 5.91
C GLN A 40 39.51 35.83 4.43
N LEU A 41 38.63 36.77 4.09
CA LEU A 41 38.31 37.05 2.70
C LEU A 41 39.56 37.31 1.86
N SER A 42 40.60 37.82 2.51
CA SER A 42 41.86 38.08 1.84
C SER A 42 42.58 36.78 1.44
N GLU A 43 42.25 35.69 2.12
CA GLU A 43 42.84 34.38 1.82
C GLU A 43 42.24 33.82 0.52
N ILE A 44 41.08 34.35 0.14
CA ILE A 44 40.32 33.82 -0.99
C ILE A 44 40.55 34.70 -2.23
N GLU A 45 40.76 34.05 -3.36
CA GLU A 45 41.02 34.72 -4.62
C GLU A 45 39.84 34.48 -5.58
N PHE A 46 39.16 35.55 -5.99
CA PHE A 46 37.96 35.43 -6.82
C PHE A 46 38.32 35.63 -8.29
N HIS A 47 37.95 34.70 -9.14
CA HIS A 47 38.34 34.77 -10.55
C HIS A 47 37.17 35.11 -11.46
N GLU A 48 36.19 34.22 -11.47
CA GLU A 48 35.10 34.29 -12.42
C GLU A 48 33.78 34.12 -11.68
N ILE A 49 32.68 34.44 -12.34
CA ILE A 49 31.37 34.15 -11.78
C ILE A 49 30.75 32.95 -12.52
N ILE A 50 30.22 31.98 -11.76
CA ILE A 50 29.68 30.73 -12.30
C ILE A 50 28.16 30.73 -12.29
N GLY A 51 27.57 31.40 -11.30
CA GLY A 51 26.13 31.40 -11.15
C GLY A 51 25.63 32.54 -10.27
N SER A 52 24.31 32.71 -10.25
CA SER A 52 23.67 33.75 -9.45
C SER A 52 22.52 33.19 -8.63
N GLY A 53 21.93 34.02 -7.78
CA GLY A 53 20.83 33.59 -6.95
C GLY A 53 20.30 34.67 -6.01
N SER A 54 19.40 34.25 -5.12
CA SER A 54 18.79 35.16 -4.14
C SER A 54 19.80 35.53 -3.06
N PHE A 55 20.78 34.65 -2.86
CA PHE A 55 21.79 34.84 -1.82
C PHE A 55 22.88 35.80 -2.27
N GLY A 56 23.16 35.77 -3.56
CA GLY A 56 24.27 36.51 -4.11
C GLY A 56 24.83 35.75 -5.29
N LYS A 57 26.13 35.91 -5.52
CA LYS A 57 26.80 35.28 -6.66
C LYS A 57 27.61 34.05 -6.21
N VAL A 58 27.96 33.19 -7.15
CA VAL A 58 28.83 32.05 -6.86
C VAL A 58 30.07 32.13 -7.74
N TYR A 59 31.21 32.40 -7.10
CA TYR A 59 32.46 32.58 -7.84
C TYR A 59 33.26 31.29 -7.89
N LYS A 60 34.07 31.17 -8.93
CA LYS A 60 35.14 30.20 -8.94
C LYS A 60 36.42 30.93 -8.55
N GLY A 61 37.39 30.23 -7.97
CA GLY A 61 38.61 30.89 -7.56
C GLY A 61 39.68 29.96 -7.03
N ARG A 62 40.51 30.49 -6.14
CA ARG A 62 41.61 29.72 -5.57
C ARG A 62 41.71 30.08 -4.09
N CYS A 63 41.88 29.05 -3.25
CA CYS A 63 42.03 29.29 -1.84
C CYS A 63 42.78 28.13 -1.24
N ARG A 64 43.87 28.43 -0.52
CA ARG A 64 44.71 27.42 0.12
C ARG A 64 45.23 26.38 -0.87
N ASN A 65 45.71 26.88 -2.00
CA ASN A 65 46.35 26.09 -3.05
C ASN A 65 45.42 25.09 -3.68
N LYS A 66 44.12 25.35 -3.55
CA LYS A 66 43.09 24.52 -4.18
C LYS A 66 42.24 25.39 -5.09
N ILE A 67 41.80 24.83 -6.20
CA ILE A 67 40.79 25.46 -7.04
C ILE A 67 39.45 25.27 -6.35
N VAL A 68 38.75 26.36 -6.07
CA VAL A 68 37.55 26.27 -5.24
C VAL A 68 36.35 27.00 -5.85
N ALA A 69 35.18 26.73 -5.30
CA ALA A 69 33.99 27.48 -5.64
C ALA A 69 33.59 28.28 -4.40
N ILE A 70 33.27 29.55 -4.61
CA ILE A 70 32.94 30.44 -3.51
C ILE A 70 31.50 30.90 -3.61
N LYS A 71 30.73 30.69 -2.55
CA LYS A 71 29.36 31.15 -2.52
C LYS A 71 29.37 32.47 -1.77
N ARG A 72 29.45 33.58 -2.51
CA ARG A 72 29.53 34.91 -1.91
C ARG A 72 28.15 35.52 -1.69
N TYR A 73 27.92 36.02 -0.48
CA TYR A 73 26.62 36.57 -0.07
C TYR A 73 26.56 38.09 -0.21
N ARG A 74 25.37 38.61 -0.53
CA ARG A 74 25.19 40.06 -0.74
C ARG A 74 25.49 40.91 0.50
N SER A 80 18.82 41.35 6.05
CA SER A 80 17.64 40.66 6.56
C SER A 80 18.02 39.51 7.48
N LYS A 81 17.08 39.08 8.31
CA LYS A 81 17.31 37.96 9.22
C LYS A 81 17.07 36.63 8.51
N SER A 82 16.36 36.69 7.39
CA SER A 82 16.07 35.49 6.61
C SER A 82 17.34 35.01 5.94
N ASP A 83 18.08 35.94 5.34
CA ASP A 83 19.32 35.61 4.64
C ASP A 83 20.39 35.03 5.56
N VAL A 84 20.59 35.64 6.72
CA VAL A 84 21.59 35.18 7.68
C VAL A 84 21.23 33.82 8.28
N ASP A 85 19.94 33.60 8.53
CA ASP A 85 19.47 32.32 9.05
C ASP A 85 19.82 31.21 8.06
N MET A 86 19.80 31.53 6.78
CA MET A 86 20.17 30.56 5.74
C MET A 86 21.67 30.35 5.73
N PHE A 87 22.43 31.43 5.94
CA PHE A 87 23.88 31.33 5.99
C PHE A 87 24.35 30.43 7.12
N CYS A 88 23.88 30.70 8.34
CA CYS A 88 24.26 29.89 9.50
C CYS A 88 23.84 28.44 9.30
N ARG A 89 22.64 28.24 8.79
CA ARG A 89 22.14 26.90 8.50
C ARG A 89 23.10 26.16 7.58
N GLU A 90 23.48 26.79 6.47
CA GLU A 90 24.34 26.13 5.48
C GLU A 90 25.71 25.74 6.03
N VAL A 91 26.33 26.66 6.77
CA VAL A 91 27.65 26.38 7.36
C VAL A 91 27.54 25.27 8.41
N SER A 92 26.51 25.33 9.24
CA SER A 92 26.27 24.31 10.25
C SER A 92 26.10 22.92 9.65
N ILE A 93 25.51 22.88 8.46
CA ILE A 93 25.37 21.64 7.72
C ILE A 93 26.73 21.23 7.17
N LEU A 94 27.39 22.17 6.51
CA LEU A 94 28.61 21.87 5.77
C LEU A 94 29.80 21.42 6.62
N CYS A 95 29.96 21.97 7.82
CA CYS A 95 31.11 21.62 8.64
C CYS A 95 31.00 20.18 9.16
N GLN A 96 29.80 19.61 9.09
CA GLN A 96 29.58 18.25 9.54
C GLN A 96 29.85 17.25 8.43
N LEU A 97 29.79 17.71 7.17
CA LEU A 97 29.86 16.80 6.03
C LEU A 97 31.29 16.42 5.68
N ASN A 98 31.58 15.13 5.74
CA ASN A 98 32.87 14.59 5.34
C ASN A 98 32.74 13.19 4.76
N HIS A 99 32.52 13.13 3.44
CA HIS A 99 32.35 11.88 2.71
C HIS A 99 32.68 12.12 1.23
N PRO A 100 33.35 11.16 0.57
CA PRO A 100 33.81 11.35 -0.81
C PRO A 100 32.69 11.39 -1.86
N CYS A 101 31.44 11.30 -1.42
CA CYS A 101 30.31 11.39 -2.35
C CYS A 101 29.44 12.60 -2.03
N VAL A 102 29.94 13.45 -1.13
CA VAL A 102 29.28 14.67 -0.71
C VAL A 102 30.20 15.87 -0.99
N ILE A 103 29.62 17.03 -1.26
CA ILE A 103 30.39 18.26 -1.51
C ILE A 103 31.42 18.48 -0.40
N GLN A 104 32.59 19.03 -0.74
CA GLN A 104 33.64 19.15 0.26
C GLN A 104 33.86 20.58 0.72
N PHE A 105 33.62 20.80 1.99
CA PHE A 105 33.71 22.12 2.58
C PHE A 105 35.18 22.50 2.73
N VAL A 106 35.53 23.71 2.30
CA VAL A 106 36.89 24.21 2.49
C VAL A 106 36.93 25.15 3.69
N GLY A 107 35.99 26.09 3.73
CA GLY A 107 35.90 26.99 4.87
C GLY A 107 34.84 28.07 4.70
N ALA A 108 34.71 28.94 5.70
CA ALA A 108 33.75 30.02 5.63
C ALA A 108 34.32 31.27 6.25
N CYS A 109 34.02 32.42 5.66
CA CYS A 109 34.48 33.69 6.19
C CYS A 109 33.35 34.32 7.01
N LEU A 110 33.65 34.64 8.27
CA LEU A 110 32.60 35.02 9.24
C LEU A 110 32.77 36.35 9.95
N ASN A 111 33.72 37.18 9.51
CA ASN A 111 34.02 38.42 10.22
C ASN A 111 32.84 39.38 10.31
N ASP A 112 32.39 39.91 9.18
CA ASP A 112 31.24 40.80 9.13
C ASP A 112 30.39 40.51 7.90
N PRO A 113 29.06 40.72 8.00
CA PRO A 113 28.09 40.42 6.96
C PRO A 113 28.44 40.88 5.53
N SER A 114 29.35 41.83 5.38
CA SER A 114 29.80 42.17 4.05
C SER A 114 30.65 41.04 3.49
N GLN A 115 31.50 40.45 4.33
CA GLN A 115 32.49 39.48 3.89
C GLN A 115 32.03 38.00 3.89
N PHE A 116 30.75 37.76 4.16
CA PHE A 116 30.23 36.38 4.21
C PHE A 116 30.47 35.59 2.93
N ALA A 117 31.17 34.46 3.04
CA ALA A 117 31.43 33.61 1.88
C ALA A 117 31.50 32.15 2.30
N ILE A 118 31.21 31.25 1.37
CA ILE A 118 31.31 29.82 1.63
C ILE A 118 32.15 29.19 0.53
N VAL A 119 33.21 28.49 0.95
CA VAL A 119 34.18 27.95 0.03
C VAL A 119 34.13 26.42 0.02
N THR A 120 34.11 25.85 -1.18
CA THR A 120 34.08 24.41 -1.33
C THR A 120 35.04 24.02 -2.43
N GLN A 121 35.53 22.79 -2.40
CA GLN A 121 36.42 22.27 -3.43
C GLN A 121 35.73 22.22 -4.79
N TYR A 122 36.32 22.86 -5.81
CA TYR A 122 35.72 22.94 -7.13
C TYR A 122 35.70 21.57 -7.83
N ILE A 123 34.59 21.26 -8.50
CA ILE A 123 34.48 20.00 -9.26
C ILE A 123 34.21 20.30 -10.74
N SER A 124 35.04 19.73 -11.62
CA SER A 124 35.16 20.21 -13.00
C SER A 124 34.40 19.43 -14.09
N GLY A 125 33.79 18.31 -13.73
CA GLY A 125 33.15 17.46 -14.73
C GLY A 125 31.71 17.86 -15.04
N GLY A 126 31.23 18.92 -14.39
CA GLY A 126 29.89 19.43 -14.63
C GLY A 126 28.80 18.56 -14.04
N SER A 127 27.56 18.99 -14.18
CA SER A 127 26.43 18.29 -13.58
C SER A 127 26.11 17.02 -14.33
N LEU A 128 25.39 16.12 -13.67
CA LEU A 128 24.89 14.92 -14.32
C LEU A 128 23.86 15.29 -15.38
N PHE A 129 23.17 16.40 -15.14
CA PHE A 129 22.15 16.88 -16.07
C PHE A 129 22.77 17.16 -17.44
N SER A 130 23.89 17.89 -17.45
CA SER A 130 24.60 18.19 -18.68
C SER A 130 25.08 16.93 -19.41
N LEU A 131 25.59 15.97 -18.65
CA LEU A 131 26.14 14.76 -19.23
C LEU A 131 25.08 13.97 -19.99
N LEU A 132 23.84 14.04 -19.50
CA LEU A 132 22.76 13.22 -20.02
C LEU A 132 21.93 13.91 -21.08
N HIS A 133 21.72 15.22 -20.91
CA HIS A 133 20.74 15.92 -21.73
C HIS A 133 21.34 17.03 -22.59
N GLU A 134 22.51 17.51 -22.20
CA GLU A 134 23.17 18.60 -22.93
C GLU A 134 24.35 18.14 -23.75
N GLN A 135 25.20 17.31 -23.17
CA GLN A 135 26.32 16.72 -23.90
C GLN A 135 25.84 15.49 -24.64
N LYS A 136 24.72 14.94 -24.15
CA LYS A 136 24.12 13.71 -24.68
C LYS A 136 25.15 12.62 -24.99
N ARG A 137 25.90 12.21 -23.97
CA ARG A 137 26.93 11.20 -24.14
C ARG A 137 26.39 9.80 -23.87
N ILE A 138 26.73 8.86 -24.74
CA ILE A 138 26.22 7.49 -24.59
C ILE A 138 27.01 6.74 -23.51
N LEU A 139 26.30 6.19 -22.53
CA LEU A 139 26.94 5.60 -21.36
C LEU A 139 26.81 4.08 -21.26
N ASP A 140 27.93 3.43 -20.97
CA ASP A 140 27.97 2.03 -20.58
C ASP A 140 27.13 1.82 -19.32
N LEU A 141 26.51 0.65 -19.18
CA LEU A 141 25.73 0.34 -17.97
C LEU A 141 26.58 0.47 -16.72
N GLN A 142 27.83 0.02 -16.79
CA GLN A 142 28.73 0.13 -15.66
C GLN A 142 28.99 1.60 -15.30
N SER A 143 29.16 2.43 -16.31
CA SER A 143 29.34 3.87 -16.11
C SER A 143 28.11 4.48 -15.44
N LYS A 144 26.94 4.03 -15.87
CA LYS A 144 25.67 4.46 -15.29
C LYS A 144 25.58 4.05 -13.82
N LEU A 145 25.88 2.78 -13.55
CA LEU A 145 25.74 2.23 -12.22
C LEU A 145 26.74 2.82 -11.22
N ILE A 146 27.91 3.23 -11.71
CA ILE A 146 28.91 3.84 -10.86
C ILE A 146 28.42 5.19 -10.34
N ILE A 147 27.84 6.00 -11.22
CA ILE A 147 27.27 7.27 -10.80
C ILE A 147 26.12 7.04 -9.81
N ALA A 148 25.24 6.08 -10.14
CA ALA A 148 24.08 5.75 -9.31
C ALA A 148 24.50 5.27 -7.91
N VAL A 149 25.53 4.44 -7.84
CA VAL A 149 26.03 3.96 -6.56
C VAL A 149 26.64 5.11 -5.75
N ASP A 150 27.43 5.96 -6.40
CA ASP A 150 28.05 7.08 -5.72
C ASP A 150 27.03 8.03 -5.10
N VAL A 151 25.93 8.27 -5.82
CA VAL A 151 24.88 9.15 -5.30
C VAL A 151 24.15 8.46 -4.14
N ALA A 152 23.95 7.15 -4.24
CA ALA A 152 23.31 6.40 -3.17
C ALA A 152 24.14 6.40 -1.88
N LYS A 153 25.45 6.35 -2.02
CA LYS A 153 26.37 6.39 -0.88
C LYS A 153 26.33 7.73 -0.16
N GLY A 154 26.34 8.81 -0.94
CA GLY A 154 26.28 10.15 -0.38
C GLY A 154 24.98 10.34 0.37
N MET A 155 23.87 9.87 -0.22
CA MET A 155 22.58 10.00 0.46
C MET A 155 22.53 9.16 1.71
N GLU A 156 23.07 7.95 1.61
CA GLU A 156 23.17 7.07 2.76
C GLU A 156 23.93 7.81 3.86
N TYR A 157 24.98 8.54 3.48
CA TYR A 157 25.78 9.27 4.44
C TYR A 157 24.97 10.34 5.15
N LEU A 158 24.26 11.14 4.36
CA LEU A 158 23.45 12.23 4.91
C LEU A 158 22.36 11.72 5.82
N HIS A 159 21.74 10.61 5.43
CA HIS A 159 20.60 10.12 6.19
C HIS A 159 21.04 9.46 7.49
N ASN A 160 22.31 9.10 7.57
CA ASN A 160 22.83 8.38 8.73
C ASN A 160 23.66 9.22 9.69
N LEU A 161 23.65 10.53 9.48
CA LEU A 161 24.22 11.46 10.46
C LEU A 161 23.40 11.37 11.74
N THR A 162 24.01 11.73 12.87
CA THR A 162 23.30 11.69 14.15
C THR A 162 22.04 12.54 14.07
N GLN A 163 22.16 13.70 13.41
CA GLN A 163 20.98 14.49 13.05
C GLN A 163 20.86 14.45 11.54
N PRO A 164 20.16 13.43 11.02
CA PRO A 164 20.06 13.20 9.58
C PRO A 164 19.62 14.43 8.78
N ILE A 165 20.14 14.53 7.56
CA ILE A 165 19.86 15.65 6.70
C ILE A 165 18.97 15.18 5.56
N ILE A 166 17.81 15.84 5.43
CA ILE A 166 16.98 15.60 4.26
C ILE A 166 17.46 16.56 3.20
N HIS A 167 17.92 16.02 2.08
CA HIS A 167 18.38 16.85 0.98
C HIS A 167 17.20 17.66 0.47
N ARG A 168 16.08 16.97 0.27
CA ARG A 168 14.81 17.62 -0.07
C ARG A 168 14.79 18.18 -1.50
N ASP A 169 15.96 18.32 -2.12
CA ASP A 169 16.06 18.84 -3.48
C ASP A 169 17.07 18.06 -4.30
N LEU A 170 17.06 16.74 -4.19
CA LEU A 170 17.94 15.89 -4.99
C LEU A 170 17.46 15.78 -6.43
N ASN A 171 18.31 16.24 -7.35
CA ASN A 171 18.04 16.08 -8.77
C ASN A 171 19.34 16.11 -9.56
N SER A 172 19.26 15.90 -10.87
CA SER A 172 20.47 15.76 -11.66
C SER A 172 21.25 17.07 -11.81
N HIS A 173 20.64 18.19 -11.43
CA HIS A 173 21.38 19.45 -11.42
C HIS A 173 22.25 19.51 -10.17
N ASN A 174 21.82 18.87 -9.10
CA ASN A 174 22.58 18.90 -7.85
C ASN A 174 23.54 17.74 -7.69
N ILE A 175 23.79 17.04 -8.79
CA ILE A 175 24.75 15.96 -8.79
C ILE A 175 25.91 16.32 -9.73
N LEU A 176 27.09 16.54 -9.14
CA LEU A 176 28.27 16.92 -9.92
C LEU A 176 29.17 15.71 -10.15
N LEU A 177 29.94 15.77 -11.24
CA LEU A 177 30.77 14.64 -11.66
C LEU A 177 32.26 14.99 -11.77
N TYR A 178 33.12 14.06 -11.38
CA TYR A 178 34.53 14.17 -11.67
C TYR A 178 34.76 13.71 -13.11
N GLU A 179 35.94 13.99 -13.67
CA GLU A 179 36.22 13.61 -15.05
C GLU A 179 36.30 12.09 -15.25
N ASP A 180 36.62 11.35 -14.19
CA ASP A 180 36.68 9.89 -14.30
C ASP A 180 35.32 9.20 -14.12
N GLY A 181 34.27 9.98 -13.92
CA GLY A 181 32.93 9.41 -13.91
C GLY A 181 32.30 9.14 -12.56
N HIS A 182 32.98 9.55 -11.48
CA HIS A 182 32.43 9.43 -10.13
C HIS A 182 31.57 10.66 -9.80
N ALA A 183 30.68 10.51 -8.82
CA ALA A 183 29.70 11.55 -8.54
C ALA A 183 29.75 12.10 -7.11
N VAL A 184 29.22 13.31 -6.94
CA VAL A 184 29.20 13.99 -5.65
C VAL A 184 27.82 14.62 -5.49
N VAL A 185 27.27 14.57 -4.28
CA VAL A 185 25.98 15.20 -3.98
C VAL A 185 26.17 16.61 -3.44
N ALA A 186 25.47 17.58 -4.03
CA ALA A 186 25.59 18.98 -3.59
C ALA A 186 24.23 19.65 -3.48
N ASP A 187 24.22 20.97 -3.35
CA ASP A 187 22.99 21.75 -3.29
C ASP A 187 23.29 23.21 -3.60
N PHE A 188 22.95 23.64 -4.80
CA PHE A 188 23.19 25.03 -5.20
C PHE A 188 22.32 26.06 -4.47
N GLY A 189 21.24 25.60 -3.86
CA GLY A 189 20.42 26.49 -3.04
C GLY A 189 19.44 27.36 -3.80
N GLU A 190 18.42 26.73 -4.39
CA GLU A 190 17.37 27.47 -5.07
C GLU A 190 16.04 27.32 -4.31
N GLY A 207 -7.81 18.23 12.69
CA GLY A 207 -9.14 17.66 12.58
C GLY A 207 -9.07 16.14 12.54
N ASN A 208 -10.20 15.49 12.25
CA ASN A 208 -10.19 14.03 12.14
C ASN A 208 -9.81 13.54 10.75
N LEU A 209 -8.82 12.65 10.70
CA LEU A 209 -8.17 12.28 9.45
C LEU A 209 -9.01 11.37 8.59
N ARG A 210 -9.98 10.69 9.22
CA ARG A 210 -10.77 9.70 8.51
C ARG A 210 -11.53 10.30 7.34
N TRP A 211 -11.89 11.59 7.44
CA TRP A 211 -12.67 12.25 6.40
C TRP A 211 -11.85 13.29 5.60
N MET A 212 -10.54 13.32 5.80
CA MET A 212 -9.70 14.33 5.15
C MET A 212 -9.35 13.99 3.70
N ALA A 213 -9.41 14.99 2.83
CA ALA A 213 -8.95 14.87 1.46
C ALA A 213 -7.47 14.53 1.49
N PRO A 214 -7.01 13.69 0.54
CA PRO A 214 -5.62 13.22 0.54
C PRO A 214 -4.61 14.36 0.51
N GLU A 215 -4.88 15.40 -0.29
CA GLU A 215 -4.00 16.56 -0.35
C GLU A 215 -3.92 17.29 1.00
N VAL A 216 -5.02 17.27 1.75
CA VAL A 216 -5.05 17.90 3.07
C VAL A 216 -4.30 17.03 4.08
N PHE A 217 -4.57 15.73 4.05
CA PHE A 217 -3.84 14.79 4.90
C PHE A 217 -2.33 14.87 4.70
N THR A 218 -1.92 15.02 3.46
CA THR A 218 -0.51 15.00 3.14
C THR A 218 0.18 16.27 3.67
N GLN A 219 -0.56 17.37 3.75
CA GLN A 219 0.04 18.59 4.29
C GLN A 219 0.15 18.56 5.81
N CYS A 220 -0.61 17.68 6.45
CA CYS A 220 -0.56 17.57 7.89
C CYS A 220 0.46 16.52 8.31
N THR A 221 1.09 15.89 7.33
CA THR A 221 2.05 14.82 7.59
C THR A 221 3.45 15.31 7.23
N ARG A 222 4.29 15.47 8.25
CA ARG A 222 5.67 15.90 8.05
C ARG A 222 6.40 14.90 7.15
N TYR A 223 7.05 15.40 6.11
CA TYR A 223 7.83 14.53 5.24
C TYR A 223 9.14 14.12 5.91
N THR A 224 9.67 12.98 5.50
CA THR A 224 10.88 12.43 6.10
C THR A 224 12.00 12.28 5.08
N ILE A 225 13.05 11.55 5.45
CA ILE A 225 14.16 11.30 4.54
C ILE A 225 13.71 10.46 3.34
N LYS A 226 12.55 9.82 3.46
CA LYS A 226 12.07 8.97 2.37
C LYS A 226 11.67 9.80 1.16
N ALA A 227 11.64 11.12 1.33
CA ALA A 227 11.35 12.02 0.23
C ALA A 227 12.53 12.06 -0.73
N ASP A 228 13.72 11.77 -0.21
CA ASP A 228 14.93 11.80 -1.04
C ASP A 228 15.02 10.53 -1.88
N VAL A 229 14.49 9.43 -1.35
CA VAL A 229 14.50 8.15 -2.06
C VAL A 229 13.63 8.26 -3.31
N PHE A 230 12.52 9.01 -3.20
CA PHE A 230 11.66 9.24 -4.36
C PHE A 230 12.44 10.02 -5.43
N SER A 231 13.03 11.13 -5.04
CA SER A 231 13.83 11.94 -5.95
C SER A 231 14.92 11.10 -6.58
N TYR A 232 15.58 10.29 -5.75
CA TYR A 232 16.68 9.45 -6.22
C TYR A 232 16.23 8.46 -7.28
N ALA A 233 15.07 7.86 -7.07
CA ALA A 233 14.52 6.91 -8.02
C ALA A 233 14.32 7.55 -9.39
N LEU A 234 13.78 8.76 -9.39
CA LEU A 234 13.62 9.51 -10.63
C LEU A 234 14.97 9.77 -11.30
N CYS A 235 16.01 10.06 -10.51
CA CYS A 235 17.35 10.25 -11.06
C CYS A 235 17.88 8.96 -11.66
N LEU A 236 17.60 7.85 -10.98
CA LEU A 236 18.04 6.54 -11.43
C LEU A 236 17.44 6.20 -12.78
N TRP A 237 16.17 6.51 -12.96
CA TRP A 237 15.50 6.31 -14.24
C TRP A 237 16.12 7.23 -15.27
N GLU A 238 16.38 8.46 -14.84
CA GLU A 238 16.98 9.49 -15.69
C GLU A 238 18.36 9.04 -16.21
N ILE A 239 19.11 8.34 -15.35
CA ILE A 239 20.42 7.83 -15.74
C ILE A 239 20.31 6.75 -16.83
N LEU A 240 19.56 5.69 -16.53
CA LEU A 240 19.45 4.51 -17.40
C LEU A 240 18.87 4.84 -18.76
N THR A 241 17.87 5.70 -18.79
CA THR A 241 17.17 6.00 -20.04
C THR A 241 17.79 7.17 -20.78
N GLY A 242 18.49 8.04 -20.04
CA GLY A 242 19.11 9.20 -20.65
C GLY A 242 18.10 10.28 -20.98
N GLU A 243 16.88 10.12 -20.46
CA GLU A 243 15.81 11.07 -20.70
C GLU A 243 15.46 11.83 -19.43
N ILE A 244 14.97 13.06 -19.60
CA ILE A 244 14.45 13.84 -18.48
C ILE A 244 13.08 13.28 -18.11
N PRO A 245 12.84 13.03 -16.80
CA PRO A 245 11.54 12.49 -16.36
C PRO A 245 10.37 13.35 -16.80
N PHE A 246 9.38 12.73 -17.48
CA PHE A 246 8.26 13.47 -18.09
C PHE A 246 8.79 14.65 -18.92
N ALA A 247 9.65 14.34 -19.90
CA ALA A 247 10.35 15.35 -20.67
C ALA A 247 9.40 16.22 -21.49
N HIS A 248 8.25 15.66 -21.84
CA HIS A 248 7.29 16.38 -22.67
C HIS A 248 6.42 17.34 -21.86
N LEU A 249 6.58 17.30 -20.54
CA LEU A 249 5.77 18.11 -19.64
C LEU A 249 6.60 19.19 -18.98
N LYS A 250 5.92 20.21 -18.46
CA LYS A 250 6.56 21.26 -17.67
C LYS A 250 6.61 20.79 -16.21
N PRO A 251 7.52 21.35 -15.40
CA PRO A 251 7.77 20.87 -14.02
C PRO A 251 6.52 20.66 -13.16
N ALA A 252 5.67 21.68 -13.03
CA ALA A 252 4.49 21.60 -12.18
C ALA A 252 3.46 20.64 -12.75
N ALA A 253 3.47 20.48 -14.07
CA ALA A 253 2.55 19.57 -14.73
C ALA A 253 2.96 18.14 -14.43
N ALA A 254 4.26 17.88 -14.44
CA ALA A 254 4.80 16.56 -14.16
C ALA A 254 4.55 16.18 -12.70
N ALA A 255 4.69 17.16 -11.82
CA ALA A 255 4.50 16.93 -10.39
C ALA A 255 3.07 16.52 -10.09
N ALA A 256 2.12 17.16 -10.78
CA ALA A 256 0.69 16.89 -10.53
C ALA A 256 0.29 15.49 -10.98
N ASP A 257 0.96 14.96 -11.99
CA ASP A 257 0.65 13.62 -12.48
C ASP A 257 1.19 12.52 -11.58
N MET A 258 2.24 12.85 -10.83
CA MET A 258 2.83 11.90 -9.91
C MET A 258 2.05 11.92 -8.59
N ALA A 259 1.51 13.08 -8.26
CA ALA A 259 0.81 13.26 -6.99
C ALA A 259 -0.67 12.90 -7.10
N TYR A 260 -1.36 13.50 -8.07
CA TYR A 260 -2.80 13.36 -8.19
C TYR A 260 -3.18 12.11 -8.99
N HIS A 261 -2.52 11.89 -10.11
CA HIS A 261 -2.88 10.79 -11.00
C HIS A 261 -1.99 9.53 -10.84
N HIS A 262 -1.10 9.55 -9.85
CA HIS A 262 -0.20 8.42 -9.56
C HIS A 262 0.60 7.88 -10.75
N ILE A 263 0.97 8.74 -11.69
CA ILE A 263 1.75 8.32 -12.84
C ILE A 263 3.27 8.39 -12.58
N ARG A 264 3.99 7.38 -13.06
CA ARG A 264 5.44 7.33 -12.97
C ARG A 264 5.98 7.25 -14.40
N PRO A 265 7.28 7.53 -14.58
CA PRO A 265 7.92 7.30 -15.89
C PRO A 265 7.84 5.83 -16.29
N PRO A 266 7.79 5.55 -17.60
CA PRO A 266 7.64 4.16 -18.06
C PRO A 266 8.88 3.29 -17.80
N ILE A 267 8.67 2.10 -17.23
CA ILE A 267 9.76 1.16 -16.96
C ILE A 267 9.78 0.05 -18.02
N GLY A 268 10.66 0.19 -19.00
CA GLY A 268 10.77 -0.78 -20.08
C GLY A 268 11.28 -2.14 -19.65
N TYR A 269 11.10 -3.14 -20.51
CA TYR A 269 11.55 -4.50 -20.22
C TYR A 269 13.08 -4.61 -20.21
N SER A 270 13.71 -3.72 -20.97
CA SER A 270 15.17 -3.68 -21.08
C SER A 270 15.87 -3.52 -19.73
N ILE A 271 15.40 -2.55 -18.95
CA ILE A 271 15.92 -2.26 -17.62
C ILE A 271 16.04 -3.51 -16.76
N PRO A 272 17.23 -3.74 -16.19
CA PRO A 272 17.54 -4.96 -15.40
C PRO A 272 16.60 -5.16 -14.22
N LYS A 273 16.26 -6.43 -13.95
CA LYS A 273 15.35 -6.78 -12.85
C LYS A 273 15.68 -6.13 -11.50
N PRO A 274 16.96 -6.20 -11.06
CA PRO A 274 17.20 -5.62 -9.73
C PRO A 274 16.93 -4.11 -9.66
N ILE A 275 17.21 -3.41 -10.74
CA ILE A 275 17.07 -1.95 -10.76
C ILE A 275 15.63 -1.51 -10.98
N SER A 276 14.91 -2.20 -11.87
CA SER A 276 13.49 -1.91 -12.09
C SER A 276 12.72 -2.12 -10.78
N SER A 277 13.21 -3.06 -9.98
CA SER A 277 12.65 -3.30 -8.66
C SER A 277 12.87 -2.08 -7.77
N LEU A 278 14.10 -1.57 -7.77
CA LEU A 278 14.46 -0.38 -7.01
C LEU A 278 13.58 0.79 -7.40
N LEU A 279 13.34 0.93 -8.70
CA LEU A 279 12.46 1.97 -9.22
C LEU A 279 11.04 1.84 -8.64
N ILE A 280 10.42 0.67 -8.84
CA ILE A 280 9.06 0.40 -8.38
C ILE A 280 8.86 0.75 -6.90
N ARG A 281 9.77 0.27 -6.05
CA ARG A 281 9.72 0.55 -4.62
C ARG A 281 10.16 1.98 -4.29
N GLY A 282 11.09 2.50 -5.08
CA GLY A 282 11.64 3.82 -4.82
C GLY A 282 10.63 4.94 -4.96
N TRP A 283 9.86 4.93 -6.05
CA TRP A 283 8.90 6.00 -6.23
C TRP A 283 7.47 5.55 -5.87
N ASN A 284 7.41 4.72 -4.84
CA ASN A 284 6.16 4.33 -4.21
C ASN A 284 5.52 5.58 -3.60
N ALA A 285 4.22 5.75 -3.80
CA ALA A 285 3.49 6.88 -3.25
C ALA A 285 3.58 6.88 -1.72
N CYS A 286 3.53 5.69 -1.15
CA CYS A 286 3.69 5.51 0.29
C CYS A 286 5.15 5.56 0.67
N PRO A 287 5.54 6.58 1.45
CA PRO A 287 6.92 6.79 1.88
C PRO A 287 7.50 5.56 2.56
N GLU A 288 6.70 4.91 3.40
CA GLU A 288 7.15 3.76 4.17
C GLU A 288 7.50 2.57 3.28
N GLY A 289 7.01 2.61 2.04
CA GLY A 289 7.25 1.51 1.11
C GLY A 289 8.57 1.62 0.37
N ARG A 290 9.18 2.80 0.44
CA ARG A 290 10.46 3.06 -0.21
C ARG A 290 11.62 2.53 0.64
N PRO A 291 12.66 1.99 0.00
CA PRO A 291 13.83 1.42 0.69
C PRO A 291 14.76 2.49 1.26
N GLU A 292 15.63 2.07 2.18
CA GLU A 292 16.69 2.94 2.71
C GLU A 292 17.85 2.95 1.73
N PHE A 293 18.69 3.98 1.82
CA PHE A 293 19.81 4.05 0.89
C PHE A 293 20.86 2.98 1.20
N SER A 294 20.90 2.52 2.45
CA SER A 294 21.80 1.44 2.81
C SER A 294 21.46 0.19 1.99
N GLU A 295 20.17 -0.03 1.74
CA GLU A 295 19.75 -1.16 0.91
C GLU A 295 19.96 -0.85 -0.58
N VAL A 296 19.73 0.41 -0.96
CA VAL A 296 19.88 0.82 -2.35
C VAL A 296 21.32 0.58 -2.80
N VAL A 297 22.26 0.99 -1.95
CA VAL A 297 23.68 0.80 -2.23
C VAL A 297 24.00 -0.67 -2.42
N MET A 298 23.51 -1.49 -1.49
CA MET A 298 23.71 -2.93 -1.53
C MET A 298 23.29 -3.53 -2.86
N LYS A 299 22.02 -3.32 -3.21
CA LYS A 299 21.47 -3.88 -4.44
C LYS A 299 22.25 -3.41 -5.66
N LEU A 300 22.66 -2.13 -5.67
CA LEU A 300 23.36 -1.58 -6.82
C LEU A 300 24.80 -2.06 -6.94
N GLU A 301 25.47 -2.19 -5.81
CA GLU A 301 26.83 -2.71 -5.79
C GLU A 301 26.84 -4.17 -6.27
N GLU A 302 25.82 -4.92 -5.87
CA GLU A 302 25.63 -6.30 -6.31
C GLU A 302 25.62 -6.37 -7.83
N CYS A 303 24.99 -5.37 -8.47
CA CYS A 303 24.90 -5.32 -9.92
C CYS A 303 26.24 -5.07 -10.59
N LEU A 304 27.07 -4.24 -9.96
CA LEU A 304 28.36 -3.87 -10.51
C LEU A 304 29.28 -5.06 -10.69
N CYS A 305 29.01 -6.13 -9.95
CA CYS A 305 29.81 -7.34 -10.02
C CYS A 305 29.46 -8.21 -11.22
N ASN A 306 28.20 -8.17 -11.66
CA ASN A 306 27.76 -9.02 -12.75
C ASN A 306 28.04 -8.40 -14.12
N ILE A 307 28.29 -7.09 -14.14
CA ILE A 307 28.60 -6.36 -15.37
C ILE A 307 30.02 -6.63 -15.84
N ASP B 25 -5.11 42.97 17.77
CA ASP B 25 -5.73 41.89 16.99
C ASP B 25 -7.20 41.72 17.37
N ILE B 26 -7.48 41.64 18.66
CA ILE B 26 -8.84 41.58 19.17
C ILE B 26 -9.57 42.91 18.95
N LEU B 27 -8.85 44.01 19.16
CA LEU B 27 -9.42 45.33 18.94
C LEU B 27 -9.80 45.53 17.48
N LEU B 28 -9.02 44.96 16.58
CA LEU B 28 -9.33 45.03 15.16
C LEU B 28 -10.61 44.25 14.89
N LEU B 29 -10.79 43.17 15.65
CA LEU B 29 -11.98 42.36 15.55
C LEU B 29 -13.15 43.08 16.21
N ARG B 30 -12.90 43.58 17.41
CA ARG B 30 -13.91 44.33 18.17
C ARG B 30 -14.54 45.44 17.30
N ALA B 31 -13.72 46.09 16.50
CA ALA B 31 -14.16 47.16 15.61
C ALA B 31 -14.86 46.61 14.36
N GLY B 32 -14.37 45.47 13.88
CA GLY B 32 -14.91 44.85 12.68
C GLY B 32 -16.22 44.10 12.85
N LEU B 33 -16.54 43.71 14.08
CA LEU B 33 -17.78 43.00 14.36
C LEU B 33 -18.92 43.99 14.62
N PRO B 34 -19.98 43.92 13.80
CA PRO B 34 -21.19 44.74 13.94
C PRO B 34 -21.71 44.78 15.37
N SER B 35 -22.14 45.96 15.81
CA SER B 35 -22.54 46.17 17.20
C SER B 35 -23.61 45.21 17.70
N HIS B 36 -24.61 44.92 16.87
CA HIS B 36 -25.72 44.08 17.33
C HIS B 36 -25.26 42.67 17.70
N PHE B 37 -24.09 42.27 17.19
CA PHE B 37 -23.53 40.97 17.49
C PHE B 37 -22.70 40.97 18.78
N HIS B 38 -22.52 42.14 19.37
CA HIS B 38 -21.76 42.26 20.61
C HIS B 38 -22.58 41.82 21.80
N LEU B 39 -22.12 40.75 22.45
CA LEU B 39 -22.80 40.19 23.62
C LEU B 39 -22.13 40.52 24.93
N GLN B 40 -22.94 40.68 25.97
CA GLN B 40 -22.44 40.81 27.33
C GLN B 40 -22.74 39.50 28.04
N LEU B 41 -21.76 39.01 28.79
CA LEU B 41 -21.84 37.70 29.44
C LEU B 41 -23.14 37.48 30.23
N SER B 42 -23.70 38.57 30.75
CA SER B 42 -24.95 38.54 31.50
C SER B 42 -26.17 38.26 30.61
N GLU B 43 -26.02 38.49 29.31
CA GLU B 43 -27.13 38.23 28.40
C GLU B 43 -27.30 36.74 28.20
N ILE B 44 -26.29 35.99 28.60
CA ILE B 44 -26.27 34.55 28.40
C ILE B 44 -26.66 33.82 29.67
N GLU B 45 -27.56 32.84 29.54
CA GLU B 45 -27.98 32.03 30.68
C GLU B 45 -27.54 30.59 30.44
N PHE B 46 -26.70 30.05 31.32
CA PHE B 46 -26.11 28.74 31.09
C PHE B 46 -26.90 27.65 31.79
N HIS B 47 -27.27 26.62 31.03
CA HIS B 47 -28.06 25.51 31.57
C HIS B 47 -27.32 24.18 31.70
N GLU B 48 -26.93 23.60 30.57
CA GLU B 48 -26.39 22.26 30.58
C GLU B 48 -25.10 22.18 29.79
N ILE B 49 -24.38 21.09 29.95
CA ILE B 49 -23.16 20.89 29.20
C ILE B 49 -23.41 19.98 28.02
N ILE B 50 -22.89 20.38 26.86
CA ILE B 50 -23.10 19.61 25.67
C ILE B 50 -21.82 18.85 25.32
N GLY B 51 -20.67 19.48 25.56
CA GLY B 51 -19.41 18.88 25.18
C GLY B 51 -18.19 19.56 25.77
N SER B 52 -17.04 18.93 25.56
CA SER B 52 -15.75 19.49 25.97
C SER B 52 -14.80 19.39 24.78
N GLY B 53 -13.60 19.96 24.93
CA GLY B 53 -12.63 19.95 23.84
C GLY B 53 -11.35 20.67 24.19
N SER B 54 -10.50 20.86 23.18
CA SER B 54 -9.22 21.52 23.36
C SER B 54 -9.41 23.02 23.62
N PHE B 55 -10.53 23.55 23.15
CA PHE B 55 -10.82 24.97 23.30
C PHE B 55 -11.43 25.28 24.68
N GLY B 56 -12.22 24.33 25.16
CA GLY B 56 -12.99 24.49 26.38
C GLY B 56 -14.30 23.74 26.25
N LYS B 57 -15.32 24.17 26.97
CA LYS B 57 -16.61 23.46 26.95
C LYS B 57 -17.66 24.15 26.07
N VAL B 58 -18.70 23.39 25.75
CA VAL B 58 -19.82 23.91 24.99
C VAL B 58 -21.08 23.70 25.81
N TYR B 59 -21.69 24.79 26.25
CA TYR B 59 -22.87 24.74 27.09
C TYR B 59 -24.12 24.91 26.25
N LYS B 60 -25.23 24.35 26.72
CA LYS B 60 -26.55 24.69 26.19
C LYS B 60 -27.14 25.73 27.11
N GLY B 61 -28.00 26.59 26.58
CA GLY B 61 -28.60 27.61 27.42
C GLY B 61 -29.63 28.49 26.74
N ARG B 62 -29.76 29.71 27.24
CA ARG B 62 -30.74 30.65 26.73
C ARG B 62 -30.16 32.06 26.64
N CYS B 63 -30.36 32.69 25.49
CA CYS B 63 -29.82 34.02 25.22
C CYS B 63 -30.67 34.76 24.19
N ARG B 64 -31.11 35.95 24.57
CA ARG B 64 -31.94 36.79 23.69
C ARG B 64 -33.19 36.10 23.19
N ASN B 65 -33.92 35.48 24.11
CA ASN B 65 -35.21 34.88 23.81
C ASN B 65 -35.13 33.71 22.83
N LYS B 66 -33.94 33.15 22.71
CA LYS B 66 -33.69 31.98 21.89
C LYS B 66 -33.03 30.89 22.71
N ILE B 67 -33.32 29.62 22.39
CA ILE B 67 -32.55 28.51 22.96
C ILE B 67 -31.22 28.45 22.19
N VAL B 68 -30.11 28.50 22.91
CA VAL B 68 -28.81 28.61 22.24
C VAL B 68 -27.77 27.64 22.75
N ALA B 69 -26.67 27.53 22.01
CA ALA B 69 -25.49 26.82 22.45
C ALA B 69 -24.34 27.81 22.61
N ILE B 70 -23.58 27.69 23.69
CA ILE B 70 -22.49 28.62 23.95
C ILE B 70 -21.14 27.92 23.90
N LYS B 71 -20.25 28.42 23.04
CA LYS B 71 -18.91 27.88 22.94
C LYS B 71 -18.01 28.78 23.78
N ARG B 72 -17.79 28.37 25.02
CA ARG B 72 -17.02 29.14 25.99
C ARG B 72 -15.54 28.77 25.90
N TYR B 73 -14.67 29.77 25.86
CA TYR B 73 -13.23 29.53 25.74
C TYR B 73 -12.57 29.59 27.12
N ARG B 74 -11.53 28.78 27.29
CA ARG B 74 -10.76 28.73 28.54
C ARG B 74 -10.03 30.04 28.80
N SER B 82 -2.00 33.08 19.93
CA SER B 82 -2.09 31.68 19.57
C SER B 82 -3.55 31.24 19.46
N ASP B 83 -4.15 31.01 20.62
CA ASP B 83 -5.55 30.61 20.72
C ASP B 83 -6.47 31.69 20.18
N VAL B 84 -6.14 32.95 20.48
CA VAL B 84 -6.94 34.10 20.09
C VAL B 84 -7.03 34.25 18.58
N ASP B 85 -5.94 33.94 17.88
CA ASP B 85 -5.93 33.99 16.41
C ASP B 85 -7.00 33.08 15.82
N MET B 86 -7.28 31.97 16.51
CA MET B 86 -8.34 31.05 16.11
C MET B 86 -9.73 31.64 16.43
N PHE B 87 -9.83 32.32 17.57
CA PHE B 87 -11.08 32.95 17.98
C PHE B 87 -11.55 33.99 16.97
N CYS B 88 -10.65 34.90 16.61
CA CYS B 88 -10.98 35.95 15.66
C CYS B 88 -11.39 35.38 14.32
N ARG B 89 -10.70 34.33 13.89
CA ARG B 89 -11.03 33.64 12.65
C ARG B 89 -12.48 33.19 12.68
N GLU B 90 -12.86 32.48 13.75
CA GLU B 90 -14.19 31.92 13.87
C GLU B 90 -15.28 32.99 13.90
N VAL B 91 -15.06 34.03 14.69
CA VAL B 91 -16.03 35.11 14.79
C VAL B 91 -16.15 35.84 13.45
N SER B 92 -15.00 36.06 12.81
CA SER B 92 -14.98 36.68 11.49
C SER B 92 -15.77 35.91 10.45
N ILE B 93 -15.78 34.58 10.57
CA ILE B 93 -16.55 33.70 9.69
C ILE B 93 -18.06 33.75 9.97
N LEU B 94 -18.42 33.60 11.25
CA LEU B 94 -19.81 33.40 11.62
C LEU B 94 -20.74 34.54 11.29
N CYS B 95 -20.25 35.77 11.41
CA CYS B 95 -21.10 36.93 11.19
C CYS B 95 -21.49 37.12 9.72
N GLN B 96 -20.77 36.45 8.82
CA GLN B 96 -21.05 36.56 7.40
C GLN B 96 -22.10 35.55 6.98
N LEU B 97 -22.26 34.50 7.79
CA LEU B 97 -23.07 33.34 7.43
C LEU B 97 -24.56 33.54 7.61
N ASN B 98 -25.30 33.40 6.51
CA ASN B 98 -26.76 33.47 6.55
C ASN B 98 -27.40 32.53 5.52
N HIS B 99 -27.62 31.29 5.92
CA HIS B 99 -28.21 30.29 5.02
C HIS B 99 -28.84 29.21 5.90
N PRO B 100 -30.01 28.69 5.49
CA PRO B 100 -30.73 27.75 6.33
C PRO B 100 -30.07 26.38 6.48
N CYS B 101 -28.95 26.16 5.80
CA CYS B 101 -28.25 24.88 5.89
C CYS B 101 -26.88 25.07 6.52
N VAL B 102 -26.67 26.26 7.05
CA VAL B 102 -25.45 26.60 7.77
C VAL B 102 -25.84 27.08 9.17
N ILE B 103 -24.97 26.85 10.15
CA ILE B 103 -25.19 27.26 11.53
C ILE B 103 -25.58 28.74 11.65
N GLN B 104 -26.39 29.08 12.65
CA GLN B 104 -26.87 30.45 12.80
C GLN B 104 -26.25 31.20 13.98
N PHE B 105 -25.50 32.25 13.65
CA PHE B 105 -24.78 33.06 14.64
C PHE B 105 -25.72 33.98 15.41
N VAL B 106 -25.59 33.97 16.74
CA VAL B 106 -26.36 34.85 17.61
C VAL B 106 -25.54 36.05 18.09
N GLY B 107 -24.33 35.80 18.57
CA GLY B 107 -23.47 36.89 19.01
C GLY B 107 -22.18 36.38 19.64
N ALA B 108 -21.33 37.29 20.09
CA ALA B 108 -20.08 36.92 20.73
C ALA B 108 -19.74 37.87 21.87
N CYS B 109 -19.17 37.34 22.95
CA CYS B 109 -18.74 38.16 24.07
C CYS B 109 -17.26 38.46 23.95
N LEU B 110 -16.90 39.75 23.97
CA LEU B 110 -15.52 40.14 23.67
C LEU B 110 -14.84 41.00 24.75
N ASN B 111 -15.44 41.09 25.93
CA ASN B 111 -14.92 41.96 27.01
C ASN B 111 -13.50 41.67 27.47
N ASP B 112 -13.28 40.50 28.05
CA ASP B 112 -11.95 40.11 28.50
C ASP B 112 -11.68 38.67 28.14
N PRO B 113 -10.41 38.32 27.82
CA PRO B 113 -10.01 36.99 27.35
C PRO B 113 -10.57 35.83 28.16
N SER B 114 -10.96 36.12 29.40
CA SER B 114 -11.63 35.15 30.24
C SER B 114 -13.05 34.91 29.73
N GLN B 115 -13.73 35.99 29.33
CA GLN B 115 -15.14 35.93 28.99
C GLN B 115 -15.43 35.60 27.52
N PHE B 116 -14.41 35.27 26.75
CA PHE B 116 -14.60 34.94 25.34
C PHE B 116 -15.64 33.85 25.13
N ALA B 117 -16.68 34.16 24.37
CA ALA B 117 -17.75 33.21 24.12
C ALA B 117 -18.36 33.40 22.75
N ILE B 118 -18.92 32.32 22.21
CA ILE B 118 -19.63 32.38 20.94
C ILE B 118 -20.99 31.74 21.11
N VAL B 119 -22.04 32.46 20.79
CA VAL B 119 -23.40 31.97 20.97
C VAL B 119 -24.08 31.77 19.63
N THR B 120 -24.72 30.62 19.45
CA THR B 120 -25.37 30.26 18.20
C THR B 120 -26.73 29.65 18.51
N GLN B 121 -27.67 29.73 17.57
CA GLN B 121 -28.98 29.10 17.79
C GLN B 121 -28.85 27.57 17.93
N TYR B 122 -29.42 27.03 18.99
CA TYR B 122 -29.31 25.61 19.33
C TYR B 122 -30.01 24.69 18.33
N ILE B 123 -29.34 23.59 17.99
CA ILE B 123 -29.91 22.57 17.12
C ILE B 123 -30.00 21.27 17.90
N SER B 124 -31.18 20.68 17.96
CA SER B 124 -31.50 19.70 18.99
C SER B 124 -31.39 18.24 18.58
N GLY B 125 -31.19 17.97 17.29
CA GLY B 125 -31.15 16.59 16.84
C GLY B 125 -29.77 15.97 16.95
N GLY B 126 -28.79 16.78 17.37
CA GLY B 126 -27.43 16.27 17.51
C GLY B 126 -26.74 16.04 16.17
N SER B 127 -25.51 15.53 16.23
CA SER B 127 -24.72 15.32 15.03
C SER B 127 -25.25 14.14 14.22
N LEU B 128 -24.94 14.15 12.93
CA LEU B 128 -25.28 13.04 12.04
C LEU B 128 -24.52 11.80 12.48
N PHE B 129 -23.36 12.02 13.09
CA PHE B 129 -22.55 10.91 13.57
C PHE B 129 -23.29 10.10 14.63
N SER B 130 -23.84 10.77 15.65
CA SER B 130 -24.62 10.05 16.65
C SER B 130 -25.85 9.38 16.06
N LEU B 131 -26.52 10.05 15.15
CA LEU B 131 -27.74 9.53 14.57
C LEU B 131 -27.49 8.23 13.84
N LEU B 132 -26.32 8.11 13.21
CA LEU B 132 -26.04 6.95 12.37
C LEU B 132 -25.31 5.83 13.11
N HIS B 133 -24.42 6.20 14.02
CA HIS B 133 -23.47 5.23 14.57
C HIS B 133 -23.64 4.97 16.05
N GLU B 134 -24.28 5.88 16.77
CA GLU B 134 -24.47 5.68 18.19
C GLU B 134 -25.94 5.36 18.53
N GLN B 135 -26.89 6.08 17.94
CA GLN B 135 -28.29 5.73 18.09
C GLN B 135 -28.65 4.66 17.09
N LYS B 136 -27.79 4.54 16.07
CA LYS B 136 -27.96 3.60 14.98
C LYS B 136 -29.41 3.54 14.47
N ARG B 137 -29.90 4.68 14.00
CA ARG B 137 -31.26 4.73 13.49
C ARG B 137 -31.30 4.45 11.99
N ILE B 138 -32.20 3.56 11.60
CA ILE B 138 -32.33 3.15 10.21
C ILE B 138 -33.13 4.20 9.46
N LEU B 139 -32.58 4.65 8.33
CA LEU B 139 -33.16 5.78 7.61
C LEU B 139 -33.80 5.39 6.27
N ASP B 140 -34.99 5.93 6.06
CA ASP B 140 -35.63 5.91 4.77
C ASP B 140 -34.70 6.55 3.76
N LEU B 141 -34.67 6.07 2.54
CA LEU B 141 -33.80 6.68 1.52
C LEU B 141 -34.10 8.16 1.34
N GLN B 142 -35.38 8.52 1.38
CA GLN B 142 -35.75 9.92 1.23
C GLN B 142 -35.14 10.76 2.34
N SER B 143 -35.22 10.25 3.57
CA SER B 143 -34.65 10.93 4.73
C SER B 143 -33.15 11.12 4.55
N LYS B 144 -32.49 10.12 3.98
CA LYS B 144 -31.07 10.21 3.69
C LYS B 144 -30.81 11.32 2.67
N LEU B 145 -31.55 11.33 1.57
CA LEU B 145 -31.29 12.29 0.50
C LEU B 145 -31.60 13.73 0.89
N ILE B 146 -32.53 13.92 1.82
CA ILE B 146 -32.86 15.27 2.25
C ILE B 146 -31.66 15.84 3.00
N ILE B 147 -31.07 15.03 3.87
CA ILE B 147 -29.87 15.44 4.58
C ILE B 147 -28.74 15.70 3.60
N ALA B 148 -28.57 14.79 2.65
CA ALA B 148 -27.49 14.90 1.68
C ALA B 148 -27.60 16.18 0.86
N VAL B 149 -28.81 16.53 0.45
CA VAL B 149 -29.02 17.77 -0.30
C VAL B 149 -28.76 18.97 0.58
N ASP B 150 -29.27 18.96 1.81
CA ASP B 150 -29.10 20.09 2.71
C ASP B 150 -27.64 20.42 2.97
N VAL B 151 -26.82 19.39 3.10
CA VAL B 151 -25.41 19.64 3.32
C VAL B 151 -24.77 20.22 2.07
N ALA B 152 -25.15 19.70 0.91
CA ALA B 152 -24.59 20.18 -0.36
C ALA B 152 -25.00 21.63 -0.61
N LYS B 153 -26.20 21.99 -0.17
CA LYS B 153 -26.68 23.36 -0.27
C LYS B 153 -25.85 24.29 0.60
N GLY B 154 -25.58 23.84 1.83
CA GLY B 154 -24.73 24.59 2.75
C GLY B 154 -23.31 24.76 2.25
N MET B 155 -22.74 23.70 1.71
CA MET B 155 -21.38 23.76 1.18
C MET B 155 -21.30 24.64 -0.06
N GLU B 156 -22.32 24.53 -0.92
CA GLU B 156 -22.43 25.41 -2.07
C GLU B 156 -22.43 26.87 -1.63
N TYR B 157 -23.13 27.14 -0.53
CA TYR B 157 -23.23 28.47 0.04
C TYR B 157 -21.87 29.01 0.49
N LEU B 158 -21.13 28.21 1.26
CA LEU B 158 -19.82 28.62 1.76
C LEU B 158 -18.83 28.87 0.63
N HIS B 159 -18.86 28.02 -0.40
CA HIS B 159 -17.92 28.13 -1.51
C HIS B 159 -18.24 29.28 -2.45
N ASN B 160 -19.45 29.79 -2.38
CA ASN B 160 -19.87 30.84 -3.31
C ASN B 160 -19.98 32.22 -2.66
N LEU B 161 -19.49 32.34 -1.43
CA LEU B 161 -19.34 33.65 -0.81
C LEU B 161 -18.31 34.44 -1.61
N THR B 162 -18.37 35.77 -1.51
CA THR B 162 -17.44 36.63 -2.25
C THR B 162 -16.00 36.26 -1.91
N GLN B 163 -15.76 35.94 -0.66
CA GLN B 163 -14.51 35.33 -0.25
C GLN B 163 -14.81 33.89 0.17
N PRO B 164 -14.77 32.94 -0.77
CA PRO B 164 -15.18 31.55 -0.55
C PRO B 164 -14.50 30.93 0.66
N ILE B 165 -15.22 30.07 1.37
CA ILE B 165 -14.72 29.45 2.59
C ILE B 165 -14.43 27.97 2.40
N ILE B 166 -13.21 27.55 2.69
CA ILE B 166 -12.92 26.12 2.71
C ILE B 166 -13.22 25.60 4.12
N HIS B 167 -14.17 24.68 4.23
CA HIS B 167 -14.52 24.14 5.54
C HIS B 167 -13.34 23.40 6.14
N ARG B 168 -12.69 22.56 5.33
CA ARG B 168 -11.45 21.86 5.71
C ARG B 168 -11.66 20.72 6.74
N ASP B 169 -12.79 20.73 7.44
CA ASP B 169 -13.06 19.68 8.42
C ASP B 169 -14.51 19.22 8.40
N LEU B 170 -15.06 19.03 7.20
CA LEU B 170 -16.41 18.53 7.06
C LEU B 170 -16.48 17.03 7.35
N ASN B 171 -17.24 16.66 8.36
CA ASN B 171 -17.49 15.25 8.67
C ASN B 171 -18.82 15.11 9.41
N SER B 172 -19.23 13.88 9.71
CA SER B 172 -20.56 13.68 10.28
C SER B 172 -20.68 14.17 11.74
N HIS B 173 -19.56 14.50 12.38
CA HIS B 173 -19.62 15.10 13.70
C HIS B 173 -19.99 16.57 13.54
N ASN B 174 -19.63 17.13 12.39
CA ASN B 174 -19.88 18.54 12.10
C ASN B 174 -21.13 18.77 11.29
N ILE B 175 -22.00 17.77 11.23
CA ILE B 175 -23.26 17.97 10.56
C ILE B 175 -24.38 17.76 11.57
N LEU B 176 -25.08 18.83 11.91
CA LEU B 176 -26.13 18.75 12.91
C LEU B 176 -27.49 18.64 12.25
N LEU B 177 -28.45 18.06 12.97
CA LEU B 177 -29.78 17.83 12.42
C LEU B 177 -30.86 18.49 13.26
N TYR B 178 -31.85 19.07 12.60
CA TYR B 178 -33.03 19.58 13.29
C TYR B 178 -34.01 18.43 13.57
N GLU B 179 -34.97 18.67 14.44
CA GLU B 179 -35.92 17.61 14.78
C GLU B 179 -36.78 17.27 13.58
N ASP B 180 -36.93 18.22 12.66
CA ASP B 180 -37.74 18.02 11.47
C ASP B 180 -37.01 17.31 10.35
N GLY B 181 -35.75 16.97 10.60
CA GLY B 181 -34.99 16.12 9.71
C GLY B 181 -34.09 16.84 8.72
N HIS B 182 -34.06 18.16 8.81
CA HIS B 182 -33.17 18.95 7.95
C HIS B 182 -31.79 19.07 8.57
N ALA B 183 -30.79 19.35 7.74
CA ALA B 183 -29.40 19.29 8.20
C ALA B 183 -28.72 20.63 8.05
N VAL B 184 -27.68 20.82 8.87
CA VAL B 184 -26.93 22.07 8.96
C VAL B 184 -25.43 21.81 9.02
N VAL B 185 -24.65 22.62 8.30
CA VAL B 185 -23.19 22.51 8.34
C VAL B 185 -22.62 23.41 9.42
N ALA B 186 -21.80 22.85 10.30
CA ALA B 186 -21.19 23.60 11.38
C ALA B 186 -19.71 23.25 11.50
N ASP B 187 -19.10 23.63 12.62
CA ASP B 187 -17.70 23.31 12.88
C ASP B 187 -17.33 23.49 14.35
N PHE B 188 -17.23 22.40 15.09
CA PHE B 188 -16.85 22.47 16.51
C PHE B 188 -15.39 22.91 16.71
N GLY B 189 -14.61 22.87 15.64
CA GLY B 189 -13.21 23.29 15.68
C GLY B 189 -12.25 22.22 16.15
N GLU B 190 -11.43 21.75 15.20
CA GLU B 190 -10.37 20.77 15.48
C GLU B 190 -9.39 20.67 14.31
N GLY B 207 11.80 24.72 -4.79
CA GLY B 207 12.73 23.87 -5.51
C GLY B 207 12.18 23.45 -6.87
N ASN B 208 12.87 22.53 -7.53
CA ASN B 208 12.38 22.02 -8.82
C ASN B 208 11.37 20.90 -8.61
N LEU B 209 10.19 21.05 -9.19
CA LEU B 209 9.07 20.18 -8.90
C LEU B 209 9.14 18.85 -9.61
N ARG B 210 9.87 18.83 -10.72
CA ARG B 210 9.95 17.62 -11.55
C ARG B 210 10.55 16.43 -10.80
N TRP B 211 11.42 16.69 -9.84
CA TRP B 211 12.09 15.62 -9.09
C TRP B 211 11.59 15.50 -7.67
N MET B 212 10.57 16.26 -7.33
CA MET B 212 10.07 16.27 -5.95
C MET B 212 9.17 15.10 -5.63
N ALA B 213 9.33 14.53 -4.44
CA ALA B 213 8.39 13.52 -3.94
C ALA B 213 7.00 14.14 -3.82
N PRO B 214 5.95 13.36 -4.11
CA PRO B 214 4.57 13.84 -4.09
C PRO B 214 4.18 14.45 -2.75
N GLU B 215 4.63 13.87 -1.63
CA GLU B 215 4.33 14.44 -0.33
C GLU B 215 4.89 15.85 -0.14
N VAL B 216 6.05 16.10 -0.74
CA VAL B 216 6.67 17.41 -0.68
C VAL B 216 5.97 18.42 -1.59
N PHE B 217 5.67 18.00 -2.82
CA PHE B 217 4.91 18.83 -3.76
C PHE B 217 3.57 19.29 -3.17
N THR B 218 2.93 18.43 -2.40
CA THR B 218 1.60 18.72 -1.85
C THR B 218 1.67 19.82 -0.77
N GLN B 219 2.80 19.90 -0.10
CA GLN B 219 2.99 20.94 0.91
C GLN B 219 3.35 22.30 0.28
N CYS B 220 3.74 22.29 -1.00
CA CYS B 220 4.00 23.52 -1.74
C CYS B 220 2.77 23.97 -2.51
N THR B 221 1.70 23.18 -2.42
CA THR B 221 0.47 23.47 -3.14
C THR B 221 -0.65 23.80 -2.17
N ARG B 222 -1.17 25.03 -2.24
CA ARG B 222 -2.34 25.40 -1.47
C ARG B 222 -3.50 24.51 -1.89
N TYR B 223 -4.18 23.89 -0.92
CA TYR B 223 -5.37 23.10 -1.25
C TYR B 223 -6.55 24.02 -1.50
N THR B 224 -7.54 23.52 -2.25
CA THR B 224 -8.64 24.37 -2.66
C THR B 224 -9.97 23.89 -2.07
N ILE B 225 -11.06 24.49 -2.54
CA ILE B 225 -12.39 24.11 -2.05
C ILE B 225 -12.77 22.68 -2.46
N LYS B 226 -12.01 22.11 -3.39
CA LYS B 226 -12.25 20.75 -3.85
C LYS B 226 -11.93 19.71 -2.77
N ALA B 227 -11.31 20.14 -1.68
CA ALA B 227 -11.02 19.24 -0.57
C ALA B 227 -12.28 18.93 0.21
N ASP B 228 -13.24 19.85 0.14
CA ASP B 228 -14.51 19.68 0.83
C ASP B 228 -15.41 18.76 0.04
N VAL B 229 -15.23 18.73 -1.27
CA VAL B 229 -15.98 17.81 -2.12
C VAL B 229 -15.57 16.37 -1.82
N PHE B 230 -14.28 16.18 -1.56
CA PHE B 230 -13.80 14.85 -1.20
C PHE B 230 -14.42 14.38 0.11
N SER B 231 -14.29 15.21 1.15
CA SER B 231 -14.83 14.87 2.46
C SER B 231 -16.31 14.57 2.38
N TYR B 232 -17.03 15.39 1.61
CA TYR B 232 -18.46 15.23 1.48
C TYR B 232 -18.82 13.85 0.90
N ALA B 233 -18.08 13.43 -0.12
CA ALA B 233 -18.34 12.14 -0.74
C ALA B 233 -18.29 11.00 0.28
N LEU B 234 -17.31 11.05 1.17
CA LEU B 234 -17.23 10.07 2.25
C LEU B 234 -18.47 10.15 3.14
N CYS B 235 -18.93 11.38 3.40
CA CYS B 235 -20.15 11.61 4.20
C CYS B 235 -21.37 11.09 3.47
N LEU B 236 -21.39 11.27 2.16
CA LEU B 236 -22.49 10.79 1.34
C LEU B 236 -22.55 9.26 1.44
N TRP B 237 -21.39 8.62 1.39
CA TRP B 237 -21.30 7.17 1.55
C TRP B 237 -21.73 6.74 2.95
N GLU B 238 -21.25 7.48 3.94
CA GLU B 238 -21.54 7.23 5.35
C GLU B 238 -23.04 7.30 5.62
N ILE B 239 -23.72 8.20 4.93
CA ILE B 239 -25.17 8.33 5.05
C ILE B 239 -25.84 7.09 4.49
N LEU B 240 -25.55 6.80 3.23
CA LEU B 240 -26.25 5.74 2.51
C LEU B 240 -26.06 4.36 3.17
N THR B 241 -24.85 4.07 3.63
CA THR B 241 -24.55 2.74 4.13
C THR B 241 -24.74 2.61 5.66
N GLY B 242 -24.72 3.73 6.36
CA GLY B 242 -24.85 3.71 7.80
C GLY B 242 -23.56 3.23 8.47
N GLU B 243 -22.50 3.16 7.69
CA GLU B 243 -21.22 2.70 8.18
C GLU B 243 -20.20 3.83 8.28
N ILE B 244 -19.30 3.74 9.26
CA ILE B 244 -18.18 4.66 9.34
C ILE B 244 -17.15 4.25 8.28
N PRO B 245 -16.65 5.22 7.49
CA PRO B 245 -15.68 4.93 6.43
C PRO B 245 -14.41 4.27 6.97
N PHE B 246 -14.05 3.12 6.37
CA PHE B 246 -12.93 2.32 6.86
C PHE B 246 -13.05 2.11 8.37
N ALA B 247 -14.18 1.54 8.79
CA ALA B 247 -14.51 1.45 10.20
C ALA B 247 -13.53 0.59 11.00
N HIS B 248 -12.91 -0.37 10.33
CA HIS B 248 -11.99 -1.32 10.97
C HIS B 248 -10.58 -0.74 11.15
N LEU B 249 -10.38 0.47 10.63
CA LEU B 249 -9.09 1.15 10.70
C LEU B 249 -9.15 2.36 11.63
N LYS B 250 -7.97 2.80 12.09
CA LYS B 250 -7.90 4.04 12.85
C LYS B 250 -7.79 5.18 11.83
N PRO B 251 -8.17 6.40 12.23
CA PRO B 251 -8.24 7.53 11.29
C PRO B 251 -7.01 7.69 10.41
N ALA B 252 -5.81 7.76 11.01
CA ALA B 252 -4.59 7.96 10.25
C ALA B 252 -4.29 6.75 9.36
N ALA B 253 -4.75 5.59 9.79
CA ALA B 253 -4.57 4.39 8.98
C ALA B 253 -5.50 4.50 7.79
N ALA B 254 -6.71 4.96 8.05
CA ALA B 254 -7.70 5.10 7.00
C ALA B 254 -7.28 6.16 6.02
N ALA B 255 -6.72 7.24 6.55
CA ALA B 255 -6.28 8.36 5.73
C ALA B 255 -5.14 7.94 4.79
N ALA B 256 -4.22 7.12 5.30
CA ALA B 256 -3.07 6.69 4.51
C ALA B 256 -3.48 5.76 3.36
N ASP B 257 -4.58 5.05 3.53
CA ASP B 257 -5.06 4.14 2.48
C ASP B 257 -5.76 4.89 1.36
N MET B 258 -6.27 6.08 1.67
CA MET B 258 -6.92 6.89 0.66
C MET B 258 -5.92 7.70 -0.11
N ALA B 259 -4.83 8.08 0.56
CA ALA B 259 -3.81 8.94 -0.04
C ALA B 259 -2.79 8.14 -0.83
N TYR B 260 -2.22 7.11 -0.20
CA TYR B 260 -1.12 6.41 -0.81
C TYR B 260 -1.61 5.28 -1.72
N HIS B 261 -2.53 4.47 -1.21
CA HIS B 261 -2.90 3.22 -1.88
C HIS B 261 -4.19 3.29 -2.72
N HIS B 262 -4.77 4.48 -2.87
CA HIS B 262 -5.98 4.70 -3.66
C HIS B 262 -7.16 3.83 -3.26
N ILE B 263 -7.28 3.54 -1.97
CA ILE B 263 -8.39 2.73 -1.50
C ILE B 263 -9.58 3.65 -1.26
N ARG B 264 -10.74 3.22 -1.73
CA ARG B 264 -11.99 3.91 -1.48
C ARG B 264 -12.93 2.95 -0.80
N PRO B 265 -13.96 3.47 -0.11
CA PRO B 265 -15.00 2.59 0.43
C PRO B 265 -15.68 1.77 -0.67
N PRO B 266 -16.14 0.56 -0.33
CA PRO B 266 -16.77 -0.35 -1.29
C PRO B 266 -18.13 0.18 -1.69
N ILE B 267 -18.43 0.18 -2.98
CA ILE B 267 -19.75 0.59 -3.44
C ILE B 267 -20.60 -0.63 -3.77
N GLY B 268 -21.45 -1.00 -2.81
CA GLY B 268 -22.33 -2.15 -2.96
C GLY B 268 -23.36 -1.95 -4.04
N TYR B 269 -24.03 -3.04 -4.42
CA TYR B 269 -25.08 -2.96 -5.43
C TYR B 269 -26.23 -2.11 -4.85
N SER B 270 -26.29 -2.04 -3.52
CA SER B 270 -27.32 -1.29 -2.82
C SER B 270 -27.38 0.21 -3.16
N ILE B 271 -26.25 0.93 -3.02
CA ILE B 271 -26.16 2.34 -3.40
C ILE B 271 -26.60 2.55 -4.85
N PRO B 272 -27.59 3.43 -5.07
CA PRO B 272 -28.20 3.64 -6.40
C PRO B 272 -27.20 4.05 -7.49
N LYS B 273 -27.42 3.54 -8.70
CA LYS B 273 -26.55 3.84 -9.85
C LYS B 273 -26.31 5.34 -10.11
N PRO B 274 -27.37 6.17 -10.13
CA PRO B 274 -27.09 7.59 -10.41
C PRO B 274 -26.21 8.25 -9.35
N ILE B 275 -26.38 7.83 -8.10
CA ILE B 275 -25.64 8.44 -7.00
C ILE B 275 -24.20 7.93 -6.91
N SER B 276 -24.00 6.65 -7.19
CA SER B 276 -22.66 6.07 -7.13
C SER B 276 -21.64 6.80 -8.01
N SER B 277 -22.11 7.37 -9.11
CA SER B 277 -21.23 8.15 -9.98
C SER B 277 -20.73 9.41 -9.25
N LEU B 278 -21.61 10.10 -8.53
CA LEU B 278 -21.21 11.26 -7.74
C LEU B 278 -20.12 10.92 -6.73
N LEU B 279 -20.26 9.78 -6.06
CA LEU B 279 -19.25 9.32 -5.13
C LEU B 279 -17.89 9.18 -5.81
N ILE B 280 -17.85 8.35 -6.86
CA ILE B 280 -16.62 8.09 -7.60
C ILE B 280 -15.91 9.38 -8.01
N ARG B 281 -16.66 10.31 -8.58
CA ARG B 281 -16.07 11.57 -9.00
C ARG B 281 -15.74 12.40 -7.78
N GLY B 282 -16.54 12.23 -6.73
CA GLY B 282 -16.40 13.02 -5.52
C GLY B 282 -15.07 12.79 -4.81
N TRP B 283 -14.69 11.53 -4.66
CA TRP B 283 -13.44 11.22 -3.99
C TRP B 283 -12.34 10.91 -4.99
N ASN B 284 -12.39 11.59 -6.14
CA ASN B 284 -11.33 11.51 -7.13
C ASN B 284 -10.05 12.05 -6.53
N ALA B 285 -8.96 11.32 -6.73
CA ALA B 285 -7.66 11.72 -6.19
C ALA B 285 -7.19 13.05 -6.74
N CYS B 286 -7.41 13.27 -8.03
CA CYS B 286 -7.10 14.54 -8.64
C CYS B 286 -8.24 15.49 -8.29
N PRO B 287 -7.96 16.52 -7.47
CA PRO B 287 -8.96 17.48 -7.00
C PRO B 287 -9.72 18.13 -8.15
N GLU B 288 -9.04 18.40 -9.25
CA GLU B 288 -9.64 19.09 -10.37
C GLU B 288 -10.77 18.26 -10.98
N GLY B 289 -10.76 16.96 -10.70
CA GLY B 289 -11.74 16.05 -11.25
C GLY B 289 -13.02 15.98 -10.45
N ARG B 290 -12.99 16.53 -9.25
CA ARG B 290 -14.17 16.52 -8.39
C ARG B 290 -15.12 17.61 -8.80
N PRO B 291 -16.42 17.35 -8.71
CA PRO B 291 -17.41 18.35 -9.13
C PRO B 291 -17.55 19.49 -8.11
N GLU B 292 -18.18 20.58 -8.51
CA GLU B 292 -18.54 21.62 -7.56
C GLU B 292 -19.86 21.24 -6.89
N PHE B 293 -20.17 21.87 -5.76
CA PHE B 293 -21.38 21.54 -5.02
C PHE B 293 -22.66 21.95 -5.74
N SER B 294 -22.56 22.91 -6.65
CA SER B 294 -23.71 23.30 -7.46
C SER B 294 -24.20 22.11 -8.29
N GLU B 295 -23.25 21.30 -8.75
CA GLU B 295 -23.59 20.13 -9.56
C GLU B 295 -24.13 19.02 -8.66
N VAL B 296 -23.52 18.88 -7.49
CA VAL B 296 -23.94 17.87 -6.53
C VAL B 296 -25.39 18.10 -6.08
N VAL B 297 -25.71 19.35 -5.76
CA VAL B 297 -27.06 19.71 -5.37
C VAL B 297 -28.06 19.35 -6.47
N MET B 298 -27.73 19.72 -7.71
CA MET B 298 -28.57 19.42 -8.86
C MET B 298 -28.92 17.93 -8.99
N LYS B 299 -27.90 17.08 -9.08
CA LYS B 299 -28.12 15.63 -9.23
C LYS B 299 -28.91 15.04 -8.07
N LEU B 300 -28.65 15.55 -6.88
CA LEU B 300 -29.30 15.05 -5.67
C LEU B 300 -30.75 15.51 -5.58
N GLU B 301 -31.02 16.75 -5.98
CA GLU B 301 -32.38 17.27 -6.02
C GLU B 301 -33.18 16.46 -7.04
N GLU B 302 -32.53 16.19 -8.17
CA GLU B 302 -33.09 15.37 -9.24
C GLU B 302 -33.47 13.98 -8.73
N CYS B 303 -32.64 13.42 -7.85
CA CYS B 303 -32.93 12.12 -7.27
C CYS B 303 -34.13 12.16 -6.35
N LEU B 304 -34.26 13.26 -5.60
CA LEU B 304 -35.37 13.40 -4.65
C LEU B 304 -36.73 13.36 -5.33
N CYS B 305 -36.76 13.71 -6.61
CA CYS B 305 -37.99 13.67 -7.38
C CYS B 305 -38.23 12.27 -7.92
N ASN B 306 -37.15 11.62 -8.32
CA ASN B 306 -37.21 10.27 -8.88
C ASN B 306 -37.05 9.16 -7.83
N ILE B 307 -37.61 9.37 -6.63
CA ILE B 307 -37.41 8.40 -5.55
C ILE B 307 -37.96 7.00 -5.87
N GLU B 308 -38.80 6.91 -6.91
CA GLU B 308 -39.38 5.64 -7.34
C GLU B 308 -38.35 4.72 -7.99
N ILE C 26 -26.23 -35.77 -11.20
CA ILE C 26 -27.01 -35.45 -12.38
C ILE C 26 -28.49 -35.28 -12.06
N LEU C 27 -29.00 -36.15 -11.20
CA LEU C 27 -30.40 -36.09 -10.80
C LEU C 27 -30.75 -34.79 -10.07
N LEU C 28 -29.81 -34.30 -9.26
CA LEU C 28 -30.01 -33.05 -8.55
C LEU C 28 -30.04 -31.88 -9.53
N LEU C 29 -29.26 -32.00 -10.60
CA LEU C 29 -29.18 -30.97 -11.64
C LEU C 29 -30.37 -30.98 -12.60
N ARG C 30 -30.71 -32.16 -13.11
CA ARG C 30 -31.85 -32.33 -14.01
C ARG C 30 -33.14 -31.75 -13.43
N ALA C 31 -33.34 -31.89 -12.13
CA ALA C 31 -34.53 -31.34 -11.48
C ALA C 31 -34.42 -29.84 -11.31
N GLY C 32 -33.21 -29.37 -10.99
CA GLY C 32 -32.98 -27.96 -10.77
C GLY C 32 -32.90 -27.15 -12.05
N LEU C 33 -32.61 -27.82 -13.16
CA LEU C 33 -32.46 -27.15 -14.45
C LEU C 33 -33.79 -26.90 -15.14
N PRO C 34 -34.10 -25.62 -15.39
CA PRO C 34 -35.30 -25.15 -16.10
C PRO C 34 -35.57 -25.94 -17.39
N SER C 35 -36.84 -26.24 -17.63
CA SER C 35 -37.25 -27.13 -18.71
C SER C 35 -36.72 -26.76 -20.08
N HIS C 36 -36.76 -25.46 -20.40
CA HIS C 36 -36.35 -24.97 -21.71
C HIS C 36 -34.87 -25.20 -22.04
N PHE C 37 -34.08 -25.49 -21.00
CA PHE C 37 -32.66 -25.73 -21.18
C PHE C 37 -32.36 -27.19 -21.52
N HIS C 38 -33.38 -28.05 -21.44
CA HIS C 38 -33.21 -29.48 -21.69
C HIS C 38 -33.17 -29.81 -23.19
N LEU C 39 -31.99 -30.17 -23.69
CA LEU C 39 -31.84 -30.48 -25.10
C LEU C 39 -31.71 -31.99 -25.35
N GLN C 40 -32.19 -32.44 -26.50
CA GLN C 40 -31.96 -33.82 -26.92
C GLN C 40 -30.92 -33.81 -28.03
N LEU C 41 -29.97 -34.74 -27.93
CA LEU C 41 -28.85 -34.78 -28.88
C LEU C 41 -29.32 -34.77 -30.33
N SER C 42 -30.53 -35.26 -30.56
CA SER C 42 -31.11 -35.27 -31.89
C SER C 42 -31.48 -33.86 -32.38
N GLU C 43 -31.67 -32.94 -31.43
CA GLU C 43 -32.02 -31.56 -31.77
C GLU C 43 -30.83 -30.80 -32.34
N ILE C 44 -29.63 -31.32 -32.11
CA ILE C 44 -28.41 -30.58 -32.45
C ILE C 44 -27.77 -31.05 -33.75
N GLU C 45 -27.45 -30.10 -34.61
CA GLU C 45 -26.88 -30.37 -35.92
C GLU C 45 -25.45 -29.85 -35.97
N PHE C 46 -24.52 -30.77 -36.21
CA PHE C 46 -23.09 -30.49 -36.11
C PHE C 46 -22.45 -30.16 -37.46
N HIS C 47 -21.73 -29.05 -37.52
CA HIS C 47 -21.11 -28.61 -38.79
C HIS C 47 -19.60 -28.76 -38.80
N GLU C 48 -18.92 -28.00 -37.96
CA GLU C 48 -17.46 -27.91 -37.99
C GLU C 48 -16.88 -28.03 -36.60
N ILE C 49 -15.57 -28.23 -36.51
CA ILE C 49 -14.89 -28.24 -35.22
C ILE C 49 -14.12 -26.93 -35.02
N ILE C 50 -14.25 -26.34 -33.84
CA ILE C 50 -13.62 -25.05 -33.55
C ILE C 50 -12.43 -25.20 -32.60
N GLY C 51 -12.54 -26.12 -31.64
CA GLY C 51 -11.50 -26.31 -30.65
C GLY C 51 -11.58 -27.63 -29.91
N SER C 52 -10.53 -27.94 -29.17
CA SER C 52 -10.45 -29.16 -28.37
C SER C 52 -9.97 -28.87 -26.96
N GLY C 53 -9.94 -29.90 -26.13
CA GLY C 53 -9.51 -29.75 -24.75
C GLY C 53 -9.56 -31.04 -23.98
N SER C 54 -9.34 -30.95 -22.67
CA SER C 54 -9.33 -32.11 -21.79
C SER C 54 -10.74 -32.66 -21.62
N PHE C 55 -11.72 -31.80 -21.85
CA PHE C 55 -13.13 -32.14 -21.70
C PHE C 55 -13.69 -32.87 -22.92
N GLY C 56 -13.17 -32.52 -24.09
CA GLY C 56 -13.69 -33.04 -25.35
C GLY C 56 -13.54 -32.01 -26.45
N LYS C 57 -14.41 -32.08 -27.45
CA LYS C 57 -14.32 -31.16 -28.59
C LYS C 57 -15.38 -30.06 -28.50
N VAL C 58 -15.15 -28.99 -29.26
CA VAL C 58 -16.12 -27.90 -29.34
C VAL C 58 -16.49 -27.66 -30.79
N TYR C 59 -17.73 -27.99 -31.13
CA TYR C 59 -18.22 -27.87 -32.50
C TYR C 59 -19.02 -26.58 -32.74
N LYS C 60 -19.02 -26.13 -33.98
CA LYS C 60 -19.99 -25.13 -34.43
C LYS C 60 -21.13 -25.93 -35.06
N GLY C 61 -22.34 -25.37 -35.04
CA GLY C 61 -23.48 -26.07 -35.60
C GLY C 61 -24.78 -25.28 -35.59
N ARG C 62 -25.89 -26.00 -35.51
CA ARG C 62 -27.22 -25.39 -35.49
C ARG C 62 -28.13 -26.12 -34.52
N CYS C 63 -28.87 -25.38 -33.70
CA CYS C 63 -29.78 -25.96 -32.72
C CYS C 63 -30.90 -24.98 -32.44
N ARG C 64 -32.14 -25.42 -32.65
CA ARG C 64 -33.33 -24.58 -32.48
C ARG C 64 -33.27 -23.32 -33.34
N ASN C 65 -32.86 -23.49 -34.60
CA ASN C 65 -32.79 -22.39 -35.56
C ASN C 65 -31.82 -21.32 -35.14
N LYS C 66 -30.86 -21.68 -34.29
CA LYS C 66 -29.84 -20.72 -33.89
C LYS C 66 -28.49 -21.29 -34.28
N ILE C 67 -27.60 -20.42 -34.75
CA ILE C 67 -26.22 -20.84 -34.97
C ILE C 67 -25.56 -20.90 -33.61
N VAL C 68 -25.02 -22.06 -33.28
CA VAL C 68 -24.53 -22.30 -31.93
C VAL C 68 -23.14 -22.90 -31.91
N ALA C 69 -22.56 -22.92 -30.72
CA ALA C 69 -21.34 -23.66 -30.49
C ALA C 69 -21.72 -24.75 -29.52
N ILE C 70 -21.24 -25.96 -29.77
CA ILE C 70 -21.58 -27.08 -28.91
C ILE C 70 -20.31 -27.59 -28.23
N LYS C 71 -20.37 -27.65 -26.91
CA LYS C 71 -19.27 -28.18 -26.11
C LYS C 71 -19.59 -29.63 -25.80
N ARG C 72 -19.05 -30.53 -26.61
CA ARG C 72 -19.34 -31.96 -26.47
C ARG C 72 -18.33 -32.57 -25.49
N TYR C 73 -18.84 -33.37 -24.56
CA TYR C 73 -18.00 -33.96 -23.52
C TYR C 73 -17.54 -35.37 -23.88
N ARG C 74 -16.33 -35.72 -23.48
CA ARG C 74 -15.76 -37.04 -23.74
C ARG C 74 -16.52 -38.15 -23.00
N LYS C 81 -15.56 -39.39 -13.36
CA LYS C 81 -15.54 -39.00 -11.96
C LYS C 81 -15.59 -37.48 -11.83
N SER C 82 -14.42 -36.86 -11.67
CA SER C 82 -14.33 -35.41 -11.54
C SER C 82 -14.67 -34.73 -12.85
N ASP C 83 -14.63 -35.50 -13.95
CA ASP C 83 -14.97 -34.97 -15.27
C ASP C 83 -16.42 -34.52 -15.25
N VAL C 84 -17.28 -35.36 -14.67
CA VAL C 84 -18.69 -35.07 -14.54
C VAL C 84 -18.93 -33.92 -13.56
N ASP C 85 -18.13 -33.85 -12.50
CA ASP C 85 -18.22 -32.76 -11.51
C ASP C 85 -18.02 -31.40 -12.18
N MET C 86 -17.21 -31.38 -13.23
CA MET C 86 -17.00 -30.15 -14.00
C MET C 86 -18.22 -29.83 -14.84
N PHE C 87 -18.87 -30.86 -15.37
CA PHE C 87 -20.09 -30.69 -16.16
C PHE C 87 -21.20 -30.05 -15.33
N CYS C 88 -21.48 -30.60 -14.15
CA CYS C 88 -22.51 -30.05 -13.27
C CYS C 88 -22.20 -28.62 -12.88
N ARG C 89 -20.93 -28.37 -12.60
CA ARG C 89 -20.47 -27.03 -12.26
C ARG C 89 -20.80 -26.04 -13.37
N GLU C 90 -20.41 -26.36 -14.61
CA GLU C 90 -20.59 -25.41 -15.71
C GLU C 90 -22.07 -25.13 -16.00
N VAL C 91 -22.89 -26.18 -16.04
CA VAL C 91 -24.31 -26.02 -16.29
C VAL C 91 -24.99 -25.23 -15.16
N SER C 92 -24.63 -25.55 -13.92
CA SER C 92 -25.19 -24.80 -12.79
C SER C 92 -24.86 -23.32 -12.89
N ILE C 93 -23.69 -23.03 -13.45
CA ILE C 93 -23.27 -21.65 -13.69
C ILE C 93 -24.03 -21.05 -14.87
N LEU C 94 -24.03 -21.76 -15.98
CA LEU C 94 -24.53 -21.22 -17.25
C LEU C 94 -26.01 -20.88 -17.28
N CYS C 95 -26.83 -21.65 -16.56
CA CYS C 95 -28.27 -21.38 -16.58
C CYS C 95 -28.59 -20.10 -15.80
N GLN C 96 -27.64 -19.63 -14.99
CA GLN C 96 -27.82 -18.40 -14.23
C GLN C 96 -27.37 -17.15 -14.99
N LEU C 97 -26.48 -17.33 -15.96
CA LEU C 97 -25.87 -16.19 -16.62
C LEU C 97 -26.81 -15.62 -17.68
N ASN C 98 -27.16 -14.35 -17.51
CA ASN C 98 -28.00 -13.66 -18.48
C ASN C 98 -27.65 -12.17 -18.60
N HIS C 99 -26.72 -11.88 -19.50
CA HIS C 99 -26.25 -10.53 -19.75
C HIS C 99 -25.64 -10.49 -21.15
N PRO C 100 -25.84 -9.38 -21.89
CA PRO C 100 -25.38 -9.28 -23.28
C PRO C 100 -23.85 -9.19 -23.43
N CYS C 101 -23.11 -9.23 -22.33
CA CYS C 101 -21.66 -9.21 -22.38
C CYS C 101 -21.03 -10.49 -21.83
N VAL C 102 -21.89 -11.46 -21.53
CA VAL C 102 -21.43 -12.75 -21.04
C VAL C 102 -21.95 -13.81 -22.02
N ILE C 103 -21.23 -14.92 -22.14
CA ILE C 103 -21.62 -16.00 -23.02
C ILE C 103 -23.09 -16.35 -22.78
N GLN C 104 -23.80 -16.73 -23.84
CA GLN C 104 -25.24 -16.95 -23.71
C GLN C 104 -25.62 -18.41 -23.83
N PHE C 105 -26.20 -18.92 -22.74
CA PHE C 105 -26.57 -20.33 -22.65
C PHE C 105 -27.83 -20.67 -23.45
N VAL C 106 -27.72 -21.73 -24.26
CA VAL C 106 -28.85 -22.24 -25.04
C VAL C 106 -29.48 -23.45 -24.34
N GLY C 107 -28.65 -24.44 -24.02
CA GLY C 107 -29.11 -25.60 -23.29
C GLY C 107 -28.07 -26.69 -23.13
N ALA C 108 -28.45 -27.75 -22.43
CA ALA C 108 -27.55 -28.86 -22.18
C ALA C 108 -28.30 -30.19 -22.21
N CYS C 109 -27.65 -31.22 -22.76
CA CYS C 109 -28.24 -32.55 -22.81
CA CYS C 109 -28.24 -32.54 -22.82
C CYS C 109 -27.86 -33.36 -21.58
N LEU C 110 -28.86 -33.90 -20.90
CA LEU C 110 -28.62 -34.60 -19.63
C LEU C 110 -29.15 -36.03 -19.61
N ASN C 111 -29.51 -36.55 -20.77
CA ASN C 111 -30.11 -37.88 -20.86
C ASN C 111 -29.23 -38.97 -20.25
N ASP C 112 -28.09 -39.23 -20.89
CA ASP C 112 -27.13 -40.19 -20.38
C ASP C 112 -25.71 -39.66 -20.63
N PRO C 113 -24.78 -39.96 -19.71
CA PRO C 113 -23.40 -39.47 -19.71
C PRO C 113 -22.66 -39.55 -21.06
N SER C 114 -23.10 -40.41 -21.96
CA SER C 114 -22.51 -40.47 -23.30
C SER C 114 -22.88 -39.25 -24.13
N GLN C 115 -24.13 -38.81 -24.00
CA GLN C 115 -24.67 -37.76 -24.86
C GLN C 115 -24.47 -36.33 -24.33
N PHE C 116 -23.73 -36.21 -23.21
CA PHE C 116 -23.50 -34.90 -22.58
C PHE C 116 -22.92 -33.84 -23.51
N ALA C 117 -23.61 -32.71 -23.59
CA ALA C 117 -23.19 -31.57 -24.41
C ALA C 117 -23.66 -30.25 -23.80
N ILE C 118 -22.95 -29.17 -24.11
CA ILE C 118 -23.35 -27.84 -23.67
C ILE C 118 -23.41 -26.92 -24.88
N VAL C 119 -24.55 -26.28 -25.08
CA VAL C 119 -24.77 -25.47 -26.26
C VAL C 119 -24.88 -23.99 -25.90
N THR C 120 -24.17 -23.15 -26.65
CA THR C 120 -24.20 -21.72 -26.39
C THR C 120 -24.32 -21.02 -27.72
N GLN C 121 -24.86 -19.81 -27.70
CA GLN C 121 -25.00 -19.05 -28.94
C GLN C 121 -23.65 -18.68 -29.52
N TYR C 122 -23.47 -19.03 -30.79
CA TYR C 122 -22.23 -18.83 -31.52
C TYR C 122 -21.89 -17.37 -31.70
N ILE C 123 -20.62 -17.07 -31.52
CA ILE C 123 -20.11 -15.72 -31.68
C ILE C 123 -19.06 -15.79 -32.78
N SER C 124 -19.20 -14.93 -33.78
CA SER C 124 -18.53 -15.15 -35.06
C SER C 124 -17.24 -14.38 -35.30
N GLY C 125 -16.94 -13.41 -34.44
CA GLY C 125 -15.78 -12.55 -34.66
C GLY C 125 -14.50 -13.13 -34.10
N GLY C 126 -14.60 -14.31 -33.50
CA GLY C 126 -13.44 -14.97 -32.95
C GLY C 126 -12.95 -14.32 -31.68
N SER C 127 -11.87 -14.86 -31.12
CA SER C 127 -11.36 -14.38 -29.84
C SER C 127 -10.66 -13.04 -29.98
N LEU C 128 -10.57 -12.32 -28.87
CA LEU C 128 -9.85 -11.05 -28.82
C LEU C 128 -8.36 -11.23 -29.09
N PHE C 129 -7.84 -12.38 -28.72
CA PHE C 129 -6.42 -12.70 -28.91
C PHE C 129 -6.07 -12.67 -30.38
N SER C 130 -6.88 -13.33 -31.19
CA SER C 130 -6.66 -13.38 -32.63
C SER C 130 -6.66 -11.99 -33.27
N LEU C 131 -7.55 -11.13 -32.81
CA LEU C 131 -7.66 -9.79 -33.38
C LEU C 131 -6.37 -8.98 -33.16
N LEU C 132 -5.70 -9.25 -32.05
CA LEU C 132 -4.55 -8.44 -31.63
C LEU C 132 -3.20 -9.00 -32.08
N HIS C 133 -3.08 -10.33 -32.04
CA HIS C 133 -1.80 -10.99 -32.17
C HIS C 133 -1.66 -11.91 -33.38
N GLU C 134 -2.78 -12.36 -33.92
CA GLU C 134 -2.77 -13.29 -35.04
C GLU C 134 -3.16 -12.63 -36.36
N GLN C 135 -4.22 -11.84 -36.32
CA GLN C 135 -4.65 -11.06 -37.46
C GLN C 135 -3.94 -9.72 -37.48
N LYS C 136 -3.46 -9.33 -36.30
CA LYS C 136 -2.77 -8.04 -36.09
C LYS C 136 -3.46 -6.89 -36.81
N ARG C 137 -4.72 -6.65 -36.48
CA ARG C 137 -5.46 -5.55 -37.10
C ARG C 137 -5.35 -4.26 -36.28
N ILE C 138 -5.12 -3.16 -36.97
CA ILE C 138 -4.95 -1.87 -36.28
C ILE C 138 -6.29 -1.31 -35.81
N LEU C 139 -6.35 -0.95 -34.53
CA LEU C 139 -7.60 -0.54 -33.90
C LEU C 139 -7.67 0.94 -33.50
N ASP C 140 -8.79 1.56 -33.83
CA ASP C 140 -9.15 2.88 -33.34
C ASP C 140 -9.23 2.83 -31.81
N LEU C 141 -8.86 3.94 -31.15
CA LEU C 141 -8.96 3.98 -29.70
C LEU C 141 -10.36 3.68 -29.20
N GLN C 142 -11.35 4.23 -29.89
CA GLN C 142 -12.74 4.00 -29.54
C GLN C 142 -13.12 2.53 -29.67
N SER C 143 -12.65 1.89 -30.74
CA SER C 143 -12.92 0.47 -30.92
C SER C 143 -12.33 -0.32 -29.76
N LYS C 144 -11.14 0.10 -29.32
CA LYS C 144 -10.49 -0.51 -28.17
C LYS C 144 -11.34 -0.29 -26.92
N LEU C 145 -11.77 0.94 -26.71
CA LEU C 145 -12.52 1.30 -25.51
C LEU C 145 -13.90 0.65 -25.45
N ILE C 146 -14.47 0.33 -26.60
CA ILE C 146 -15.75 -0.37 -26.62
C ILE C 146 -15.58 -1.80 -26.08
N ILE C 147 -14.54 -2.47 -26.54
CA ILE C 147 -14.20 -3.81 -26.04
C ILE C 147 -13.90 -3.76 -24.55
N ALA C 148 -13.11 -2.76 -24.14
CA ALA C 148 -12.74 -2.63 -22.74
C ALA C 148 -13.97 -2.44 -21.84
N VAL C 149 -14.90 -1.62 -22.28
CA VAL C 149 -16.13 -1.40 -21.52
C VAL C 149 -17.00 -2.65 -21.50
N ASP C 150 -17.16 -3.30 -22.65
CA ASP C 150 -18.02 -4.49 -22.72
C ASP C 150 -17.52 -5.61 -21.83
N VAL C 151 -16.21 -5.79 -21.75
CA VAL C 151 -15.64 -6.82 -20.90
C VAL C 151 -15.83 -6.42 -19.44
N ALA C 152 -15.64 -5.14 -19.15
CA ALA C 152 -15.82 -4.63 -17.80
C ALA C 152 -17.29 -4.75 -17.36
N LYS C 153 -18.22 -4.58 -18.30
CA LYS C 153 -19.65 -4.73 -18.02
C LYS C 153 -20.01 -6.18 -17.66
N GLY C 154 -19.49 -7.12 -18.44
CA GLY C 154 -19.70 -8.53 -18.19
C GLY C 154 -19.12 -8.93 -16.84
N MET C 155 -17.92 -8.44 -16.53
CA MET C 155 -17.32 -8.75 -15.24
C MET C 155 -18.09 -8.12 -14.10
N GLU C 156 -18.58 -6.89 -14.29
CA GLU C 156 -19.42 -6.23 -13.29
C GLU C 156 -20.60 -7.11 -12.95
N TYR C 157 -21.18 -7.73 -13.97
CA TYR C 157 -22.33 -8.62 -13.81
C TYR C 157 -22.02 -9.85 -12.97
N LEU C 158 -20.94 -10.55 -13.30
CA LEU C 158 -20.56 -11.77 -12.59
C LEU C 158 -20.28 -11.45 -11.13
N HIS C 159 -19.60 -10.34 -10.89
CA HIS C 159 -19.19 -9.99 -9.52
C HIS C 159 -20.38 -9.49 -8.68
N ASN C 160 -21.47 -9.11 -9.34
CA ASN C 160 -22.60 -8.55 -8.62
C ASN C 160 -23.80 -9.48 -8.52
N LEU C 161 -23.59 -10.75 -8.86
CA LEU C 161 -24.58 -11.80 -8.60
C LEU C 161 -24.76 -11.95 -7.09
N THR C 162 -25.92 -12.44 -6.66
CA THR C 162 -26.18 -12.65 -5.24
C THR C 162 -25.11 -13.59 -4.66
N GLN C 163 -24.76 -14.61 -5.44
CA GLN C 163 -23.60 -15.44 -5.17
C GLN C 163 -22.56 -15.18 -6.25
N PRO C 164 -21.71 -14.15 -6.06
CA PRO C 164 -20.76 -13.68 -7.06
C PRO C 164 -19.85 -14.78 -7.61
N ILE C 165 -19.51 -14.66 -8.89
CA ILE C 165 -18.67 -15.63 -9.57
C ILE C 165 -17.30 -15.01 -9.87
N ILE C 166 -16.24 -15.69 -9.42
CA ILE C 166 -14.87 -15.34 -9.79
C ILE C 166 -14.50 -16.06 -11.08
N HIS C 167 -14.20 -15.31 -12.13
CA HIS C 167 -13.84 -15.91 -13.41
C HIS C 167 -12.56 -16.73 -13.28
N ARG C 168 -11.56 -16.13 -12.62
CA ARG C 168 -10.31 -16.81 -12.26
C ARG C 168 -9.38 -17.08 -13.46
N ASP C 169 -9.93 -17.04 -14.67
CA ASP C 169 -9.13 -17.29 -15.86
C ASP C 169 -9.49 -16.28 -16.95
N LEU C 170 -9.62 -15.02 -16.58
CA LEU C 170 -9.91 -13.98 -17.57
C LEU C 170 -8.66 -13.62 -18.36
N ASN C 171 -8.72 -13.84 -19.67
CA ASN C 171 -7.67 -13.44 -20.60
C ASN C 171 -8.22 -13.28 -22.01
N SER C 172 -7.39 -12.86 -22.95
CA SER C 172 -7.86 -12.52 -24.29
C SER C 172 -8.31 -13.74 -25.11
N HIS C 173 -8.02 -14.95 -24.64
CA HIS C 173 -8.54 -16.14 -25.30
C HIS C 173 -10.00 -16.38 -24.90
N ASN C 174 -10.36 -15.95 -23.68
CA ASN C 174 -11.71 -16.14 -23.17
C ASN C 174 -12.60 -14.92 -23.42
N ILE C 175 -12.16 -14.03 -24.30
CA ILE C 175 -12.95 -12.87 -24.68
C ILE C 175 -13.28 -12.96 -26.15
N LEU C 176 -14.56 -13.16 -26.46
CA LEU C 176 -15.02 -13.33 -27.83
C LEU C 176 -15.64 -12.05 -28.37
N LEU C 177 -15.56 -11.85 -29.68
CA LEU C 177 -16.03 -10.59 -30.27
C LEU C 177 -17.09 -10.84 -31.33
N TYR C 178 -18.09 -9.96 -31.38
CA TYR C 178 -19.03 -9.97 -32.49
C TYR C 178 -18.35 -9.22 -33.62
N GLU C 179 -18.88 -9.35 -34.83
CA GLU C 179 -18.30 -8.65 -35.98
C GLU C 179 -18.49 -7.14 -35.89
N ASP C 180 -19.47 -6.70 -35.12
CA ASP C 180 -19.74 -5.27 -34.97
C ASP C 180 -18.81 -4.66 -33.93
N GLY C 181 -17.95 -5.47 -33.33
CA GLY C 181 -16.90 -4.96 -32.47
C GLY C 181 -17.22 -4.97 -30.99
N HIS C 182 -18.39 -5.48 -30.62
CA HIS C 182 -18.72 -5.60 -29.22
C HIS C 182 -18.15 -6.91 -28.67
N ALA C 183 -18.00 -6.98 -27.35
CA ALA C 183 -17.29 -8.10 -26.76
C ALA C 183 -18.14 -8.92 -25.78
N VAL C 184 -17.73 -10.16 -25.55
CA VAL C 184 -18.43 -11.08 -24.66
C VAL C 184 -17.41 -11.81 -23.80
N VAL C 185 -17.70 -11.97 -22.51
CA VAL C 185 -16.81 -12.70 -21.61
C VAL C 185 -17.23 -14.16 -21.56
N ALA C 186 -16.28 -15.07 -21.81
CA ALA C 186 -16.57 -16.49 -21.83
C ALA C 186 -15.50 -17.30 -21.09
N ASP C 187 -15.51 -18.62 -21.26
CA ASP C 187 -14.53 -19.50 -20.63
C ASP C 187 -14.51 -20.88 -21.31
N PHE C 188 -13.47 -21.13 -22.12
CA PHE C 188 -13.37 -22.40 -22.83
C PHE C 188 -13.16 -23.59 -21.90
N GLY C 189 -12.78 -23.33 -20.65
CA GLY C 189 -12.70 -24.39 -19.66
C GLY C 189 -11.45 -25.25 -19.69
N GLU C 190 -10.34 -24.66 -20.13
CA GLU C 190 -9.05 -25.35 -20.12
C GLU C 190 -8.70 -25.72 -18.67
N SER C 191 -9.13 -24.86 -17.75
CA SER C 191 -8.97 -25.10 -16.32
C SER C 191 -10.32 -25.39 -15.68
N ASN C 208 1.50 -17.77 13.00
CA ASN C 208 1.46 -16.32 13.24
C ASN C 208 1.94 -15.53 12.03
N LEU C 209 1.14 -14.56 11.62
CA LEU C 209 1.35 -13.90 10.34
C LEU C 209 2.49 -12.89 10.37
N ARG C 210 2.82 -12.40 11.56
CA ARG C 210 3.86 -11.37 11.68
C ARG C 210 5.23 -11.84 11.18
N TRP C 211 5.49 -13.14 11.30
CA TRP C 211 6.80 -13.66 10.89
C TRP C 211 6.72 -14.49 9.60
N MET C 212 5.55 -14.50 8.97
CA MET C 212 5.37 -15.34 7.77
C MET C 212 5.95 -14.75 6.50
N ALA C 213 6.59 -15.62 5.71
CA ALA C 213 7.02 -15.24 4.38
C ALA C 213 5.78 -14.91 3.56
N PRO C 214 5.89 -13.89 2.69
CA PRO C 214 4.76 -13.42 1.87
C PRO C 214 4.13 -14.53 1.04
N GLU C 215 4.94 -15.42 0.46
CA GLU C 215 4.40 -16.53 -0.32
C GLU C 215 3.52 -17.45 0.52
N VAL C 216 3.86 -17.61 1.79
CA VAL C 216 3.06 -18.44 2.69
C VAL C 216 1.79 -17.70 3.10
N PHE C 217 1.94 -16.43 3.48
CA PHE C 217 0.82 -15.55 3.83
C PHE C 217 -0.21 -15.48 2.71
N THR C 218 0.28 -15.45 1.47
CA THR C 218 -0.59 -15.30 0.32
C THR C 218 -1.44 -16.54 0.07
N GLN C 219 -0.91 -17.71 0.44
CA GLN C 219 -1.65 -18.97 0.29
C GLN C 219 -2.69 -19.17 1.37
N CYS C 220 -2.54 -18.48 2.49
CA CYS C 220 -3.46 -18.59 3.61
C CYS C 220 -4.58 -17.57 3.47
N THR C 221 -4.52 -16.82 2.37
CA THR C 221 -5.46 -15.76 2.07
C THR C 221 -6.34 -16.19 0.91
N ARG C 222 -7.62 -16.41 1.18
CA ARG C 222 -8.57 -16.75 0.14
C ARG C 222 -8.57 -15.62 -0.88
N TYR C 223 -8.39 -15.95 -2.15
CA TYR C 223 -8.43 -14.91 -3.17
C TYR C 223 -9.89 -14.49 -3.41
N THR C 224 -10.10 -13.26 -3.82
CA THR C 224 -11.46 -12.76 -3.98
C THR C 224 -11.70 -12.40 -5.43
N ILE C 225 -12.81 -11.71 -5.68
CA ILE C 225 -13.14 -11.26 -7.03
C ILE C 225 -12.14 -10.22 -7.53
N LYS C 226 -11.35 -9.64 -6.63
CA LYS C 226 -10.37 -8.64 -7.01
C LYS C 226 -9.24 -9.23 -7.83
N ALA C 227 -9.19 -10.54 -7.91
CA ALA C 227 -8.22 -11.25 -8.74
C ALA C 227 -8.56 -11.12 -10.21
N ASP C 228 -9.83 -10.89 -10.51
CA ASP C 228 -10.28 -10.72 -11.88
C ASP C 228 -9.93 -9.35 -12.39
N VAL C 229 -9.90 -8.38 -11.48
CA VAL C 229 -9.57 -7.01 -11.84
C VAL C 229 -8.12 -6.95 -12.30
N PHE C 230 -7.26 -7.72 -11.64
CA PHE C 230 -5.84 -7.79 -12.01
C PHE C 230 -5.71 -8.31 -13.43
N SER C 231 -6.37 -9.43 -13.68
CA SER C 231 -6.37 -10.03 -15.01
C SER C 231 -6.89 -9.04 -16.05
N TYR C 232 -7.98 -8.36 -15.70
CA TYR C 232 -8.60 -7.42 -16.61
C TYR C 232 -7.64 -6.31 -16.99
N ALA C 233 -6.91 -5.81 -16.00
CA ALA C 233 -5.95 -4.74 -16.22
C ALA C 233 -4.90 -5.13 -17.25
N LEU C 234 -4.37 -6.34 -17.14
CA LEU C 234 -3.42 -6.86 -18.12
C LEU C 234 -4.05 -6.94 -19.50
N CYS C 235 -5.33 -7.33 -19.56
CA CYS C 235 -6.05 -7.36 -20.82
C CYS C 235 -6.20 -5.96 -21.40
N LEU C 236 -6.45 -4.99 -20.52
CA LEU C 236 -6.62 -3.61 -20.93
C LEU C 236 -5.35 -3.07 -21.58
N TRP C 237 -4.22 -3.41 -20.97
CA TRP C 237 -2.92 -3.04 -21.50
C TRP C 237 -2.69 -3.74 -22.83
N GLU C 238 -3.09 -5.02 -22.87
CA GLU C 238 -2.95 -5.83 -24.07
C GLU C 238 -3.72 -5.20 -25.22
N ILE C 239 -4.88 -4.64 -24.92
CA ILE C 239 -5.72 -3.99 -25.91
C ILE C 239 -5.05 -2.74 -26.48
N LEU C 240 -4.67 -1.81 -25.60
CA LEU C 240 -4.12 -0.53 -26.01
C LEU C 240 -2.82 -0.65 -26.79
N THR C 241 -1.95 -1.57 -26.37
CA THR C 241 -0.63 -1.69 -26.97
C THR C 241 -0.63 -2.71 -28.10
N GLY C 242 -1.59 -3.62 -28.07
CA GLY C 242 -1.70 -4.65 -29.09
C GLY C 242 -0.62 -5.71 -28.94
N GLU C 243 0.06 -5.66 -27.80
CA GLU C 243 1.14 -6.59 -27.51
C GLU C 243 0.74 -7.54 -26.41
N ILE C 244 1.30 -8.75 -26.45
CA ILE C 244 1.11 -9.71 -25.39
C ILE C 244 1.93 -9.30 -24.18
N PRO C 245 1.30 -9.32 -22.99
CA PRO C 245 1.99 -8.97 -21.75
C PRO C 245 3.24 -9.84 -21.53
N PHE C 246 4.39 -9.20 -21.32
CA PHE C 246 5.69 -9.89 -21.22
C PHE C 246 5.86 -10.89 -22.35
N ALA C 247 5.76 -10.40 -23.58
CA ALA C 247 5.71 -11.26 -24.76
C ALA C 247 6.98 -12.07 -24.96
N HIS C 248 8.09 -11.52 -24.48
CA HIS C 248 9.39 -12.15 -24.65
C HIS C 248 9.62 -13.24 -23.61
N LEU C 249 8.68 -13.37 -22.69
CA LEU C 249 8.82 -14.35 -21.62
C LEU C 249 7.79 -15.46 -21.78
N LYS C 250 8.06 -16.59 -21.13
CA LYS C 250 7.11 -17.69 -21.09
C LYS C 250 6.16 -17.45 -19.93
N PRO C 251 4.95 -18.02 -20.00
CA PRO C 251 3.88 -17.78 -19.00
C PRO C 251 4.34 -17.91 -17.55
N ALA C 252 5.00 -19.00 -17.21
CA ALA C 252 5.44 -19.23 -15.84
C ALA C 252 6.53 -18.23 -15.44
N ALA C 253 7.30 -17.76 -16.42
CA ALA C 253 8.35 -16.80 -16.14
C ALA C 253 7.78 -15.42 -15.84
N ALA C 254 6.76 -15.02 -16.62
CA ALA C 254 6.13 -13.72 -16.46
C ALA C 254 5.40 -13.60 -15.13
N ALA C 255 4.74 -14.69 -14.73
CA ALA C 255 4.00 -14.71 -13.49
C ALA C 255 4.91 -14.51 -12.29
N ALA C 256 6.10 -15.10 -12.35
CA ALA C 256 7.07 -15.01 -11.26
C ALA C 256 7.66 -13.60 -11.10
N ASP C 257 7.76 -12.85 -12.18
CA ASP C 257 8.29 -11.49 -12.14
C ASP C 257 7.27 -10.48 -11.63
N MET C 258 5.99 -10.80 -11.75
CA MET C 258 4.93 -9.94 -11.27
C MET C 258 4.67 -10.16 -9.79
N ALA C 259 4.92 -11.39 -9.35
CA ALA C 259 4.66 -11.77 -7.97
C ALA C 259 5.87 -11.48 -7.09
N TYR C 260 7.03 -11.94 -7.52
CA TYR C 260 8.24 -11.84 -6.70
C TYR C 260 8.96 -10.51 -6.90
N HIS C 261 9.10 -10.07 -8.15
CA HIS C 261 9.89 -8.88 -8.45
C HIS C 261 8.99 -7.64 -8.67
N HIS C 262 7.69 -7.80 -8.45
CA HIS C 262 6.69 -6.75 -8.58
C HIS C 262 6.72 -5.98 -9.90
N ILE C 263 7.09 -6.65 -10.99
CA ILE C 263 7.17 -6.00 -12.30
C ILE C 263 5.84 -6.03 -13.06
N ARG C 264 5.49 -4.91 -13.68
CA ARG C 264 4.30 -4.80 -14.52
C ARG C 264 4.74 -4.43 -15.94
N PRO C 265 3.87 -4.65 -16.94
CA PRO C 265 4.19 -4.17 -18.29
C PRO C 265 4.38 -2.66 -18.31
N PRO C 266 5.22 -2.15 -19.23
CA PRO C 266 5.55 -0.73 -19.25
C PRO C 266 4.37 0.16 -19.67
N ILE C 267 4.13 1.23 -18.92
CA ILE C 267 3.05 2.16 -19.23
C ILE C 267 3.59 3.43 -19.89
N GLY C 268 3.50 3.49 -21.22
CA GLY C 268 4.00 4.63 -21.96
C GLY C 268 3.25 5.93 -21.68
N TYR C 269 3.86 7.05 -22.05
CA TYR C 269 3.24 8.36 -21.85
C TYR C 269 2.02 8.55 -22.74
N SER C 270 2.04 7.87 -23.89
CA SER C 270 0.97 7.96 -24.87
C SER C 270 -0.39 7.58 -24.28
N ILE C 271 -0.46 6.46 -23.58
CA ILE C 271 -1.68 6.00 -22.91
C ILE C 271 -2.31 7.11 -22.06
N PRO C 272 -3.61 7.39 -22.28
CA PRO C 272 -4.36 8.48 -21.64
C PRO C 272 -4.34 8.44 -20.11
N LYS C 273 -4.33 9.62 -19.48
CA LYS C 273 -4.32 9.75 -18.03
C LYS C 273 -5.39 8.90 -17.30
N PRO C 274 -6.66 8.97 -17.72
CA PRO C 274 -7.68 8.18 -17.00
C PRO C 274 -7.47 6.67 -17.10
N ILE C 275 -6.99 6.18 -18.23
CA ILE C 275 -6.80 4.75 -18.41
C ILE C 275 -5.56 4.24 -17.70
N SER C 276 -4.48 5.01 -17.75
CA SER C 276 -3.25 4.63 -17.06
C SER C 276 -3.50 4.49 -15.55
N SER C 277 -4.42 5.29 -15.02
CA SER C 277 -4.80 5.19 -13.62
C SER C 277 -5.43 3.83 -13.35
N LEU C 278 -6.35 3.44 -14.22
CA LEU C 278 -7.01 2.14 -14.11
C LEU C 278 -5.97 1.03 -14.08
N LEU C 279 -4.98 1.14 -14.95
CA LEU C 279 -3.90 0.17 -15.00
C LEU C 279 -3.15 0.10 -13.68
N ILE C 280 -2.61 1.24 -13.25
CA ILE C 280 -1.83 1.34 -12.02
C ILE C 280 -2.56 0.75 -10.81
N ARG C 281 -3.82 1.15 -10.63
CA ARG C 281 -4.62 0.67 -9.52
C ARG C 281 -5.08 -0.78 -9.77
N GLY C 282 -5.29 -1.11 -11.04
CA GLY C 282 -5.80 -2.41 -11.41
C GLY C 282 -4.86 -3.56 -11.10
N TRP C 283 -3.58 -3.40 -11.43
CA TRP C 283 -2.64 -4.47 -11.15
C TRP C 283 -1.79 -4.21 -9.91
N ASN C 284 -2.42 -3.56 -8.94
CA ASN C 284 -1.86 -3.36 -7.61
C ASN C 284 -1.63 -4.71 -6.93
N ALA C 285 -0.47 -4.89 -6.29
CA ALA C 285 -0.16 -6.14 -5.60
C ALA C 285 -1.16 -6.42 -4.50
N CYS C 286 -1.56 -5.37 -3.81
CA CYS C 286 -2.59 -5.46 -2.78
C CYS C 286 -3.96 -5.50 -3.44
N PRO C 287 -4.68 -6.63 -3.30
CA PRO C 287 -5.98 -6.82 -3.92
C PRO C 287 -6.96 -5.71 -3.56
N GLU C 288 -6.91 -5.27 -2.31
CA GLU C 288 -7.84 -4.25 -1.80
C GLU C 288 -7.68 -2.88 -2.45
N GLY C 289 -6.53 -2.67 -3.10
CA GLY C 289 -6.23 -1.39 -3.73
C GLY C 289 -6.79 -1.30 -5.14
N ARG C 290 -7.24 -2.44 -5.66
CA ARG C 290 -7.82 -2.51 -6.99
C ARG C 290 -9.29 -2.07 -6.94
N PRO C 291 -9.78 -1.40 -8.00
CA PRO C 291 -11.16 -0.91 -8.09
C PRO C 291 -12.19 -1.99 -8.39
N GLU C 292 -13.46 -1.68 -8.18
CA GLU C 292 -14.55 -2.58 -8.56
C GLU C 292 -14.85 -2.42 -10.04
N PHE C 293 -15.52 -3.40 -10.64
CA PHE C 293 -15.82 -3.30 -12.05
C PHE C 293 -16.91 -2.26 -12.32
N SER C 294 -17.72 -1.97 -11.30
CA SER C 294 -18.68 -0.90 -11.42
C SER C 294 -17.96 0.44 -11.67
N GLU C 295 -16.81 0.62 -11.02
CA GLU C 295 -16.03 1.85 -11.23
C GLU C 295 -15.26 1.81 -12.55
N VAL C 296 -14.75 0.64 -12.91
CA VAL C 296 -14.01 0.50 -14.17
C VAL C 296 -14.94 0.86 -15.32
N VAL C 297 -16.16 0.33 -15.30
CA VAL C 297 -17.15 0.63 -16.32
C VAL C 297 -17.41 2.13 -16.40
N MET C 298 -17.64 2.74 -15.24
CA MET C 298 -17.87 4.17 -15.15
C MET C 298 -16.73 4.97 -15.80
N LYS C 299 -15.51 4.79 -15.31
CA LYS C 299 -14.36 5.54 -15.82
C LYS C 299 -14.19 5.30 -17.31
N LEU C 300 -14.43 4.08 -17.78
CA LEU C 300 -14.23 3.78 -19.18
C LEU C 300 -15.30 4.38 -20.07
N GLU C 301 -16.56 4.35 -19.60
CA GLU C 301 -17.66 4.94 -20.36
C GLU C 301 -17.43 6.45 -20.52
N GLU C 302 -16.94 7.07 -19.46
CA GLU C 302 -16.58 8.49 -19.47
C GLU C 302 -15.55 8.78 -20.57
N CYS C 303 -14.61 7.87 -20.77
CA CYS C 303 -13.56 8.04 -21.76
C CYS C 303 -14.10 8.03 -23.18
N LEU C 304 -15.11 7.19 -23.41
CA LEU C 304 -15.70 7.03 -24.73
C LEU C 304 -16.29 8.35 -25.26
N CYS C 305 -16.57 9.28 -24.36
CA CYS C 305 -17.11 10.57 -24.76
C CYS C 305 -16.03 11.52 -25.29
N ASN C 306 -14.81 11.40 -24.79
CA ASN C 306 -13.74 12.28 -25.24
C ASN C 306 -13.08 11.72 -26.49
N ILE C 307 -13.33 10.43 -26.74
CA ILE C 307 -12.82 9.75 -27.92
C ILE C 307 -13.66 10.14 -29.14
N ASP D 25 -4.61 -46.26 9.80
CA ASP D 25 -4.06 -44.90 9.83
C ASP D 25 -3.23 -44.66 11.08
N ILE D 26 -3.86 -44.77 12.25
CA ILE D 26 -3.13 -44.68 13.52
C ILE D 26 -2.41 -46.00 13.80
N LEU D 27 -3.01 -47.11 13.36
CA LEU D 27 -2.38 -48.41 13.45
C LEU D 27 -1.17 -48.45 12.52
N LEU D 28 -1.23 -47.64 11.47
CA LEU D 28 -0.13 -47.53 10.52
C LEU D 28 1.03 -46.75 11.15
N LEU D 29 0.69 -45.83 12.04
CA LEU D 29 1.68 -45.05 12.77
C LEU D 29 2.25 -45.86 13.94
N ARG D 30 1.36 -46.59 14.62
CA ARG D 30 1.76 -47.47 15.74
C ARG D 30 2.90 -48.39 15.34
N ALA D 31 2.87 -48.83 14.08
CA ALA D 31 3.90 -49.70 13.54
C ALA D 31 5.10 -48.91 13.02
N GLY D 32 4.86 -47.66 12.62
CA GLY D 32 5.92 -46.81 12.11
C GLY D 32 6.91 -46.39 13.20
N LEU D 33 6.39 -45.94 14.33
CA LEU D 33 7.22 -45.48 15.44
C LEU D 33 7.93 -46.64 16.14
N PRO D 34 9.27 -46.54 16.25
CA PRO D 34 10.10 -47.52 16.97
C PRO D 34 9.57 -47.81 18.37
N SER D 35 9.75 -49.05 18.83
CA SER D 35 9.09 -49.50 20.06
C SER D 35 9.48 -48.72 21.30
N HIS D 36 10.72 -48.25 21.35
CA HIS D 36 11.19 -47.58 22.55
C HIS D 36 10.56 -46.21 22.73
N PHE D 37 9.99 -45.67 21.66
CA PHE D 37 9.37 -44.35 21.71
C PHE D 37 7.90 -44.41 22.10
N HIS D 38 7.40 -45.62 22.40
CA HIS D 38 6.01 -45.81 22.81
C HIS D 38 5.84 -45.60 24.31
N LEU D 39 4.88 -44.76 24.67
CA LEU D 39 4.65 -44.39 26.06
C LEU D 39 3.27 -44.83 26.55
N GLN D 40 3.16 -45.02 27.85
CA GLN D 40 1.86 -45.26 28.47
C GLN D 40 1.60 -44.12 29.44
N LEU D 41 0.34 -43.69 29.52
CA LEU D 41 -0.05 -42.56 30.35
C LEU D 41 0.52 -42.65 31.75
N SER D 42 0.62 -43.88 32.25
CA SER D 42 1.16 -44.16 33.58
C SER D 42 2.65 -43.91 33.70
N GLU D 43 3.36 -43.89 32.58
CA GLU D 43 4.80 -43.59 32.59
C GLU D 43 5.01 -42.12 32.94
N ILE D 44 3.97 -41.32 32.68
CA ILE D 44 4.06 -39.86 32.76
C ILE D 44 3.53 -39.30 34.07
N GLU D 45 4.34 -38.48 34.73
CA GLU D 45 3.91 -37.74 35.92
C GLU D 45 3.69 -36.28 35.56
N PHE D 46 2.42 -35.88 35.46
CA PHE D 46 2.07 -34.51 35.12
C PHE D 46 2.34 -33.56 36.29
N HIS D 47 2.48 -32.28 35.98
CA HIS D 47 2.69 -31.25 36.99
C HIS D 47 1.80 -30.04 36.70
N GLU D 48 2.44 -28.89 36.47
CA GLU D 48 1.73 -27.65 36.18
C GLU D 48 1.33 -27.55 34.71
N ILE D 49 0.69 -26.43 34.35
CA ILE D 49 0.31 -26.18 32.95
C ILE D 49 1.11 -25.01 32.37
N ILE D 50 1.48 -25.12 31.10
CA ILE D 50 2.24 -24.04 30.46
C ILE D 50 1.60 -23.60 29.14
N GLY D 51 0.46 -24.16 28.79
CA GLY D 51 -0.15 -23.81 27.52
C GLY D 51 -1.59 -24.24 27.28
N SER D 52 -2.16 -23.76 26.19
CA SER D 52 -3.49 -24.15 25.73
C SER D 52 -3.69 -23.80 24.26
N GLY D 53 -4.69 -24.41 23.64
CA GLY D 53 -4.97 -24.20 22.23
C GLY D 53 -6.05 -25.13 21.72
N SER D 54 -6.19 -25.18 20.39
CA SER D 54 -7.23 -25.98 19.75
C SER D 54 -7.01 -27.47 19.97
N PHE D 55 -5.76 -27.89 19.84
CA PHE D 55 -5.35 -29.28 20.02
C PHE D 55 -5.62 -29.79 21.42
N GLY D 56 -5.34 -28.96 22.43
CA GLY D 56 -5.41 -29.35 23.82
C GLY D 56 -4.45 -28.52 24.64
N LYS D 57 -3.90 -29.11 25.70
CA LYS D 57 -3.01 -28.36 26.60
C LYS D 57 -1.53 -28.78 26.51
N VAL D 58 -0.69 -28.14 27.32
CA VAL D 58 0.73 -28.45 27.38
C VAL D 58 1.23 -28.39 28.83
N TYR D 59 1.50 -29.56 29.42
CA TYR D 59 1.83 -29.65 30.84
C TYR D 59 3.33 -29.83 31.07
N LYS D 60 3.81 -29.33 32.20
CA LYS D 60 5.14 -29.65 32.67
C LYS D 60 5.01 -30.97 33.42
N GLY D 61 6.13 -31.60 33.75
CA GLY D 61 6.08 -32.85 34.50
C GLY D 61 7.35 -33.67 34.49
N ARG D 62 7.21 -34.93 34.86
CA ARG D 62 8.36 -35.84 34.93
C ARG D 62 8.03 -37.17 34.26
N CYS D 63 8.97 -37.66 33.46
CA CYS D 63 8.77 -38.91 32.72
C CYS D 63 10.09 -39.53 32.30
N ARG D 64 10.28 -40.80 32.66
CA ARG D 64 11.55 -41.51 32.42
C ARG D 64 12.76 -40.78 33.00
N ASN D 65 12.65 -40.40 34.27
CA ASN D 65 13.77 -39.87 35.04
C ASN D 65 14.28 -38.52 34.52
N LYS D 66 13.46 -37.85 33.72
CA LYS D 66 13.81 -36.55 33.16
C LYS D 66 12.68 -35.56 33.38
N ILE D 67 13.03 -34.28 33.54
CA ILE D 67 12.03 -33.22 33.55
C ILE D 67 11.55 -33.04 32.11
N VAL D 68 10.24 -33.11 31.90
CA VAL D 68 9.72 -33.10 30.55
C VAL D 68 8.58 -32.11 30.35
N ALA D 69 8.11 -32.03 29.11
CA ALA D 69 6.99 -31.18 28.75
C ALA D 69 6.00 -32.00 27.94
N ILE D 70 4.80 -32.18 28.47
CA ILE D 70 3.81 -33.05 27.86
C ILE D 70 2.79 -32.27 27.04
N LYS D 71 2.65 -32.61 25.77
CA LYS D 71 1.68 -31.96 24.90
C LYS D 71 0.47 -32.85 24.72
N ARG D 72 -0.45 -32.77 25.68
CA ARG D 72 -1.67 -33.58 25.64
C ARG D 72 -2.65 -33.09 24.58
N TYR D 73 -3.16 -34.02 23.79
CA TYR D 73 -4.19 -33.70 22.80
C TYR D 73 -5.59 -33.94 23.37
N ARG D 74 -6.62 -33.46 22.67
CA ARG D 74 -8.01 -33.67 23.10
C ARG D 74 -8.53 -35.05 22.68
N SER D 82 -8.90 -35.70 10.88
CA SER D 82 -8.65 -34.27 10.66
C SER D 82 -7.61 -33.75 11.65
N ASP D 83 -7.96 -33.76 12.93
CA ASP D 83 -7.02 -33.37 13.98
C ASP D 83 -6.01 -34.49 14.26
N VAL D 84 -6.35 -35.71 13.85
CA VAL D 84 -5.49 -36.88 14.01
C VAL D 84 -4.33 -36.86 13.01
N ASP D 85 -4.64 -36.47 11.77
CA ASP D 85 -3.63 -36.36 10.73
C ASP D 85 -2.51 -35.40 11.13
N MET D 86 -2.84 -34.45 12.01
CA MET D 86 -1.84 -33.56 12.57
C MET D 86 -0.96 -34.28 13.59
N PHE D 87 -1.58 -35.12 14.41
CA PHE D 87 -0.86 -35.90 15.41
C PHE D 87 0.21 -36.78 14.76
N CYS D 88 -0.21 -37.56 13.76
CA CYS D 88 0.72 -38.42 13.03
C CYS D 88 1.89 -37.64 12.44
N ARG D 89 1.61 -36.44 11.94
CA ARG D 89 2.66 -35.60 11.38
C ARG D 89 3.73 -35.27 12.42
N GLU D 90 3.32 -34.74 13.57
CA GLU D 90 4.25 -34.33 14.61
C GLU D 90 5.11 -35.49 15.11
N VAL D 91 4.47 -36.63 15.37
CA VAL D 91 5.17 -37.81 15.86
C VAL D 91 6.15 -38.33 14.80
N SER D 92 5.72 -38.35 13.55
CA SER D 92 6.58 -38.79 12.46
C SER D 92 7.79 -37.87 12.27
N ILE D 93 7.65 -36.61 12.67
CA ILE D 93 8.75 -35.66 12.59
C ILE D 93 9.70 -35.83 13.78
N LEU D 94 9.15 -35.82 14.98
CA LEU D 94 9.96 -35.82 16.21
C LEU D 94 10.88 -37.02 16.37
N CYS D 95 10.44 -38.17 15.86
CA CYS D 95 11.22 -39.39 16.02
C CYS D 95 12.44 -39.41 15.10
N GLN D 96 12.54 -38.44 14.20
CA GLN D 96 13.70 -38.32 13.33
C GLN D 96 14.73 -37.36 13.93
N LEU D 97 14.26 -36.44 14.75
CA LEU D 97 15.07 -35.29 15.17
C LEU D 97 16.14 -35.65 16.19
N ASN D 98 17.40 -35.46 15.80
CA ASN D 98 18.53 -35.64 16.71
C ASN D 98 19.60 -34.58 16.50
N HIS D 99 19.32 -33.35 16.94
CA HIS D 99 20.29 -32.27 16.84
C HIS D 99 20.22 -31.44 18.11
N PRO D 100 21.39 -30.95 18.57
CA PRO D 100 21.45 -30.12 19.78
C PRO D 100 20.55 -28.90 19.73
N CYS D 101 20.43 -28.29 18.56
CA CYS D 101 19.68 -27.04 18.41
C CYS D 101 18.24 -27.27 17.99
N VAL D 102 17.79 -28.51 18.09
CA VAL D 102 16.40 -28.85 17.80
C VAL D 102 15.80 -29.52 19.04
N ILE D 103 14.49 -29.41 19.20
CA ILE D 103 13.79 -29.98 20.36
C ILE D 103 14.09 -31.47 20.48
N GLN D 104 14.27 -31.96 21.70
CA GLN D 104 14.59 -33.37 21.92
C GLN D 104 13.38 -34.22 22.27
N PHE D 105 13.08 -35.17 21.40
CA PHE D 105 11.89 -36.01 21.54
C PHE D 105 12.11 -37.14 22.55
N VAL D 106 11.04 -37.51 23.27
CA VAL D 106 11.10 -38.54 24.31
C VAL D 106 10.20 -39.76 24.02
N GLY D 107 8.92 -39.52 23.76
CA GLY D 107 8.01 -40.62 23.50
C GLY D 107 6.61 -40.15 23.15
N ALA D 108 5.68 -41.08 22.99
CA ALA D 108 4.32 -40.72 22.62
C ALA D 108 3.30 -41.81 22.95
N CYS D 109 2.27 -41.44 23.70
CA CYS D 109 1.16 -42.35 23.99
C CYS D 109 0.23 -42.44 22.79
N LEU D 110 -0.01 -43.66 22.31
CA LEU D 110 -0.85 -43.85 21.12
C LEU D 110 -2.02 -44.82 21.34
N ASN D 111 -2.23 -45.23 22.60
CA ASN D 111 -3.24 -46.25 22.90
C ASN D 111 -4.66 -45.90 22.48
N ASP D 112 -5.33 -45.10 23.30
CA ASP D 112 -6.65 -44.58 22.95
C ASP D 112 -6.51 -43.14 22.44
N PRO D 113 -7.26 -42.80 21.39
CA PRO D 113 -7.27 -41.45 20.80
C PRO D 113 -7.49 -40.35 21.84
N SER D 114 -8.24 -40.67 22.91
CA SER D 114 -8.45 -39.75 24.01
C SER D 114 -7.15 -39.47 24.75
N GLN D 115 -6.30 -40.50 24.86
CA GLN D 115 -5.09 -40.41 25.67
C GLN D 115 -3.84 -39.99 24.88
N PHE D 116 -4.02 -39.60 23.62
CA PHE D 116 -2.90 -39.17 22.77
C PHE D 116 -2.01 -38.16 23.47
N ALA D 117 -0.71 -38.34 23.36
CA ALA D 117 0.23 -37.45 24.02
C ALA D 117 1.57 -37.43 23.30
N ILE D 118 2.36 -36.40 23.55
CA ILE D 118 3.71 -36.28 23.03
C ILE D 118 4.59 -35.66 24.10
N VAL D 119 5.71 -36.30 24.40
CA VAL D 119 6.57 -35.84 25.48
C VAL D 119 7.97 -35.46 24.95
N THR D 120 8.46 -34.29 25.36
CA THR D 120 9.78 -33.81 24.95
C THR D 120 10.58 -33.38 26.17
N GLN D 121 11.91 -33.35 26.06
CA GLN D 121 12.75 -32.90 27.16
C GLN D 121 12.52 -31.42 27.45
N TYR D 122 12.29 -31.11 28.72
CA TYR D 122 11.95 -29.75 29.16
C TYR D 122 13.10 -28.76 29.03
N ILE D 123 12.79 -27.58 28.49
CA ILE D 123 13.72 -26.46 28.48
C ILE D 123 13.22 -25.38 29.43
N SER D 124 14.11 -24.85 30.26
CA SER D 124 13.72 -23.99 31.37
C SER D 124 13.79 -22.49 31.10
N GLY D 125 14.63 -22.08 30.16
CA GLY D 125 14.85 -20.66 29.90
C GLY D 125 13.75 -19.93 29.15
N GLY D 126 12.59 -20.55 28.99
CA GLY D 126 11.46 -19.93 28.31
C GLY D 126 11.74 -19.60 26.86
N SER D 127 10.79 -18.96 26.19
CA SER D 127 10.94 -18.60 24.78
C SER D 127 11.92 -17.42 24.57
N LEU D 128 12.30 -17.19 23.32
CA LEU D 128 13.17 -16.06 22.97
C LEU D 128 12.34 -14.79 23.03
N PHE D 129 11.06 -14.94 22.69
CA PHE D 129 10.12 -13.84 22.71
C PHE D 129 10.02 -13.26 24.11
N SER D 130 9.90 -14.11 25.12
CA SER D 130 9.82 -13.63 26.49
C SER D 130 11.10 -12.95 26.93
N LEU D 131 12.24 -13.45 26.45
CA LEU D 131 13.53 -12.88 26.83
C LEU D 131 13.67 -11.46 26.33
N LEU D 132 13.10 -11.17 25.17
CA LEU D 132 13.28 -9.88 24.52
C LEU D 132 12.16 -8.88 24.83
N HIS D 133 10.94 -9.39 25.01
CA HIS D 133 9.76 -8.52 25.00
C HIS D 133 8.92 -8.56 26.27
N GLU D 134 9.33 -9.36 27.25
CA GLU D 134 8.63 -9.41 28.53
C GLU D 134 9.59 -9.25 29.71
N GLN D 135 10.77 -9.83 29.58
CA GLN D 135 11.82 -9.67 30.58
C GLN D 135 12.67 -8.48 30.19
N LYS D 136 12.69 -8.20 28.90
CA LYS D 136 13.43 -7.07 28.33
C LYS D 136 14.87 -6.99 28.86
N ARG D 137 15.48 -8.16 29.00
CA ARG D 137 16.87 -8.24 29.45
C ARG D 137 17.79 -7.76 28.35
N ILE D 138 18.77 -6.95 28.71
CA ILE D 138 19.71 -6.40 27.73
C ILE D 138 20.83 -7.40 27.45
N LEU D 139 21.01 -7.72 26.17
CA LEU D 139 21.96 -8.75 25.77
C LEU D 139 23.23 -8.20 25.12
N ASP D 140 24.36 -8.81 25.47
CA ASP D 140 25.63 -8.58 24.79
C ASP D 140 25.47 -9.00 23.34
N LEU D 141 26.24 -8.41 22.44
CA LEU D 141 26.17 -8.80 21.03
C LEU D 141 26.50 -10.28 20.84
N GLN D 142 27.59 -10.73 21.47
CA GLN D 142 27.95 -12.14 21.47
C GLN D 142 26.79 -13.02 21.95
N SER D 143 26.12 -12.58 23.02
CA SER D 143 24.95 -13.29 23.53
C SER D 143 23.84 -13.36 22.49
N LYS D 144 23.78 -12.34 21.64
CA LYS D 144 22.79 -12.30 20.57
C LYS D 144 23.20 -13.21 19.41
N LEU D 145 24.46 -13.12 19.00
CA LEU D 145 24.97 -13.92 17.88
C LEU D 145 24.91 -15.42 18.15
N ILE D 146 25.15 -15.79 19.40
CA ILE D 146 25.10 -17.18 19.79
C ILE D 146 23.69 -17.75 19.56
N ILE D 147 22.67 -17.08 20.10
CA ILE D 147 21.30 -17.48 19.83
C ILE D 147 21.03 -17.54 18.32
N ALA D 148 21.49 -16.50 17.62
CA ALA D 148 21.32 -16.42 16.17
C ALA D 148 21.93 -17.61 15.42
N VAL D 149 23.15 -17.98 15.79
CA VAL D 149 23.81 -19.12 15.15
C VAL D 149 23.10 -20.43 15.48
N ASP D 150 22.74 -20.59 16.75
CA ASP D 150 22.05 -21.80 17.21
C ASP D 150 20.81 -22.11 16.37
N VAL D 151 19.94 -21.12 16.23
CA VAL D 151 18.73 -21.31 15.45
C VAL D 151 19.07 -21.59 13.98
N ALA D 152 20.10 -20.93 13.48
CA ALA D 152 20.55 -21.17 12.10
C ALA D 152 21.01 -22.61 11.93
N LYS D 153 21.78 -23.10 12.91
CA LYS D 153 22.27 -24.48 12.91
C LYS D 153 21.13 -25.49 12.89
N GLY D 154 20.15 -25.28 13.76
CA GLY D 154 18.97 -26.12 13.81
C GLY D 154 18.18 -26.15 12.51
N MET D 155 18.04 -25.00 11.87
CA MET D 155 17.32 -24.94 10.60
C MET D 155 18.11 -25.58 9.47
N GLU D 156 19.44 -25.50 9.56
CA GLU D 156 20.29 -26.18 8.61
C GLU D 156 20.04 -27.68 8.72
N TYR D 157 19.90 -28.16 9.95
CA TYR D 157 19.67 -29.57 10.21
C TYR D 157 18.36 -30.04 9.58
N LEU D 158 17.25 -29.38 9.95
CA LEU D 158 15.94 -29.70 9.41
C LEU D 158 15.87 -29.65 7.89
N HIS D 159 16.67 -28.77 7.29
CA HIS D 159 16.67 -28.61 5.84
C HIS D 159 17.55 -29.63 5.13
N ASN D 160 18.43 -30.29 5.89
CA ASN D 160 19.35 -31.26 5.30
C ASN D 160 19.03 -32.71 5.66
N LEU D 161 17.80 -32.95 6.10
CA LEU D 161 17.33 -34.30 6.31
C LEU D 161 17.04 -34.93 4.94
N THR D 162 17.10 -36.27 4.88
CA THR D 162 16.86 -37.01 3.64
C THR D 162 15.53 -36.60 3.02
N GLN D 163 14.53 -36.40 3.87
CA GLN D 163 13.30 -35.72 3.48
C GLN D 163 13.25 -34.40 4.22
N PRO D 164 13.63 -33.30 3.54
CA PRO D 164 13.75 -31.97 4.16
C PRO D 164 12.46 -31.48 4.80
N ILE D 165 12.56 -30.91 6.00
CA ILE D 165 11.41 -30.39 6.70
C ILE D 165 11.28 -28.89 6.50
N ILE D 166 10.06 -28.41 6.26
CA ILE D 166 9.79 -26.98 6.26
C ILE D 166 9.09 -26.63 7.57
N HIS D 167 9.75 -25.83 8.39
CA HIS D 167 9.18 -25.44 9.69
C HIS D 167 7.86 -24.67 9.52
N ARG D 168 7.85 -23.68 8.61
CA ARG D 168 6.64 -22.93 8.22
C ARG D 168 5.97 -22.12 9.35
N ASP D 169 6.53 -22.14 10.55
CA ASP D 169 5.98 -21.38 11.67
C ASP D 169 7.10 -20.95 12.60
N LEU D 170 8.25 -20.60 12.03
CA LEU D 170 9.37 -20.18 12.84
C LEU D 170 9.20 -18.75 13.35
N ASN D 171 9.14 -18.59 14.67
CA ASN D 171 9.14 -17.27 15.29
C ASN D 171 9.68 -17.32 16.71
N SER D 172 9.82 -16.15 17.34
CA SER D 172 10.45 -16.09 18.66
C SER D 172 9.66 -16.78 19.79
N HIS D 173 8.46 -17.26 19.48
CA HIS D 173 7.71 -18.10 20.40
C HIS D 173 8.19 -19.54 20.32
N ASN D 174 8.49 -19.99 19.10
CA ASN D 174 8.95 -21.35 18.89
C ASN D 174 10.46 -21.45 18.91
N ILE D 175 11.11 -20.61 19.69
CA ILE D 175 12.54 -20.74 19.93
C ILE D 175 12.81 -20.63 21.42
N LEU D 176 13.17 -21.76 22.02
CA LEU D 176 13.37 -21.81 23.46
C LEU D 176 14.86 -21.78 23.78
N LEU D 177 15.19 -21.45 25.02
CA LEU D 177 16.57 -21.21 25.39
C LEU D 177 17.02 -22.03 26.60
N TYR D 178 18.14 -22.73 26.45
CA TYR D 178 18.79 -23.33 27.61
C TYR D 178 19.38 -22.18 28.42
N GLU D 179 19.40 -22.34 29.75
CA GLU D 179 19.82 -21.26 30.63
C GLU D 179 21.29 -20.87 30.48
N ASP D 180 22.04 -21.63 29.69
CA ASP D 180 23.43 -21.28 29.42
C ASP D 180 23.54 -20.35 28.21
N GLY D 181 22.39 -19.92 27.70
CA GLY D 181 22.35 -18.97 26.60
C GLY D 181 22.22 -19.59 25.22
N HIS D 182 22.01 -20.91 25.19
CA HIS D 182 21.88 -21.63 23.93
C HIS D 182 20.42 -21.81 23.51
N ALA D 183 20.18 -21.95 22.21
CA ALA D 183 18.83 -21.90 21.67
C ALA D 183 18.41 -23.23 21.07
N VAL D 184 17.09 -23.46 21.04
CA VAL D 184 16.55 -24.69 20.48
C VAL D 184 15.33 -24.39 19.61
N VAL D 185 15.32 -24.94 18.40
CA VAL D 185 14.19 -24.77 17.48
C VAL D 185 13.05 -25.73 17.80
N ALA D 186 11.90 -25.19 18.19
CA ALA D 186 10.76 -26.02 18.54
C ALA D 186 9.55 -25.69 17.67
N ASP D 187 8.37 -26.13 18.10
CA ASP D 187 7.11 -25.79 17.42
C ASP D 187 5.89 -26.22 18.21
N PHE D 188 5.36 -25.34 19.04
CA PHE D 188 4.18 -25.64 19.86
C PHE D 188 2.96 -26.09 19.06
N GLY D 189 2.97 -25.84 17.75
CA GLY D 189 1.87 -26.24 16.90
C GLY D 189 0.73 -25.23 16.88
N GLU D 190 0.89 -24.19 16.07
CA GLU D 190 -0.17 -23.20 15.88
C GLU D 190 -0.66 -23.19 14.44
N SER D 191 0.10 -23.84 13.56
CA SER D 191 -0.28 -23.92 12.15
C SER D 191 -1.08 -25.19 11.87
N PRO D 206 -5.18 -25.12 -12.15
CA PRO D 206 -4.28 -25.04 -13.32
C PRO D 206 -4.28 -23.64 -13.96
N GLY D 207 -4.94 -23.48 -15.11
CA GLY D 207 -5.06 -22.18 -15.77
C GLY D 207 -3.81 -21.66 -16.47
N ASN D 208 -3.93 -20.53 -17.17
CA ASN D 208 -2.78 -19.90 -17.82
C ASN D 208 -2.19 -18.76 -17.01
N LEU D 209 -0.92 -18.91 -16.65
CA LEU D 209 -0.25 -18.06 -15.66
C LEU D 209 -0.05 -16.60 -16.07
N ARG D 210 0.13 -16.36 -17.36
CA ARG D 210 0.48 -15.01 -17.85
C ARG D 210 -0.49 -13.91 -17.38
N TRP D 211 -1.79 -14.22 -17.34
CA TRP D 211 -2.78 -13.23 -16.95
C TRP D 211 -3.22 -13.35 -15.48
N MET D 212 -2.57 -14.23 -14.73
CA MET D 212 -2.99 -14.52 -13.35
C MET D 212 -2.62 -13.48 -12.31
N ALA D 213 -3.57 -13.21 -11.41
CA ALA D 213 -3.31 -12.39 -10.24
C ALA D 213 -2.23 -13.05 -9.38
N PRO D 214 -1.36 -12.23 -8.76
CA PRO D 214 -0.26 -12.68 -7.91
C PRO D 214 -0.74 -13.64 -6.83
N GLU D 215 -1.81 -13.26 -6.13
CA GLU D 215 -2.34 -14.10 -5.07
C GLU D 215 -2.78 -15.46 -5.59
N VAL D 216 -3.06 -15.54 -6.89
CA VAL D 216 -3.53 -16.79 -7.49
C VAL D 216 -2.35 -17.69 -7.88
N PHE D 217 -1.39 -17.12 -8.60
CA PHE D 217 -0.18 -17.83 -8.98
C PHE D 217 0.57 -18.40 -7.78
N THR D 218 0.48 -17.71 -6.65
CA THR D 218 1.14 -18.16 -5.42
C THR D 218 0.48 -19.42 -4.89
N GLN D 219 -0.85 -19.47 -5.00
CA GLN D 219 -1.61 -20.64 -4.56
C GLN D 219 -1.47 -21.84 -5.53
N CYS D 220 -0.86 -21.62 -6.69
CA CYS D 220 -0.56 -22.71 -7.62
C CYS D 220 0.93 -23.04 -7.56
N THR D 221 1.58 -22.60 -6.49
CA THR D 221 3.01 -22.79 -6.32
C THR D 221 3.29 -23.34 -4.94
N ARG D 222 4.00 -24.45 -4.86
CA ARG D 222 4.42 -25.01 -3.57
C ARG D 222 5.43 -24.06 -2.93
N TYR D 223 5.23 -23.74 -1.66
CA TYR D 223 6.23 -22.96 -0.94
C TYR D 223 7.37 -23.88 -0.54
N THR D 224 8.58 -23.34 -0.64
CA THR D 224 9.78 -24.13 -0.43
C THR D 224 10.40 -23.89 0.95
N ILE D 225 11.53 -24.54 1.19
CA ILE D 225 12.27 -24.34 2.42
C ILE D 225 12.78 -22.90 2.57
N LYS D 226 12.71 -22.12 1.49
CA LYS D 226 13.14 -20.72 1.54
C LYS D 226 12.16 -19.84 2.32
N ALA D 227 11.01 -20.39 2.70
CA ALA D 227 10.05 -19.65 3.51
C ALA D 227 10.53 -19.60 4.95
N ASP D 228 11.46 -20.47 5.30
CA ASP D 228 11.97 -20.51 6.65
C ASP D 228 13.09 -19.50 6.79
N VAL D 229 13.73 -19.20 5.66
CA VAL D 229 14.81 -18.22 5.63
C VAL D 229 14.29 -16.80 5.83
N PHE D 230 13.17 -16.49 5.17
CA PHE D 230 12.51 -15.21 5.34
C PHE D 230 12.17 -15.01 6.81
N SER D 231 11.48 -15.98 7.39
CA SER D 231 11.03 -15.85 8.76
C SER D 231 12.22 -15.66 9.71
N TYR D 232 13.30 -16.40 9.45
CA TYR D 232 14.50 -16.28 10.26
C TYR D 232 15.07 -14.88 10.21
N ALA D 233 15.11 -14.29 9.01
CA ALA D 233 15.63 -12.93 8.82
C ALA D 233 14.95 -11.95 9.78
N LEU D 234 13.64 -12.01 9.90
CA LEU D 234 12.93 -11.18 10.86
C LEU D 234 13.36 -11.49 12.29
N CYS D 235 13.57 -12.77 12.60
CA CYS D 235 14.02 -13.17 13.93
C CYS D 235 15.40 -12.59 14.26
N LEU D 236 16.32 -12.70 13.30
CA LEU D 236 17.66 -12.15 13.45
C LEU D 236 17.58 -10.64 13.70
N TRP D 237 16.64 -9.98 13.04
CA TRP D 237 16.38 -8.57 13.26
C TRP D 237 15.74 -8.37 14.63
N GLU D 238 14.93 -9.33 15.04
CA GLU D 238 14.21 -9.22 16.31
C GLU D 238 15.19 -9.38 17.47
N ILE D 239 16.20 -10.23 17.27
CA ILE D 239 17.24 -10.46 18.27
C ILE D 239 18.10 -9.20 18.44
N LEU D 240 18.61 -8.72 17.31
CA LEU D 240 19.61 -7.64 17.30
C LEU D 240 19.08 -6.34 17.89
N THR D 241 17.80 -6.05 17.67
CA THR D 241 17.24 -4.77 18.08
C THR D 241 16.37 -4.88 19.34
N GLY D 242 15.92 -6.09 19.65
CA GLY D 242 15.07 -6.31 20.81
C GLY D 242 13.65 -5.82 20.60
N GLU D 243 13.34 -5.42 19.36
CA GLU D 243 12.02 -4.91 18.99
C GLU D 243 11.22 -5.96 18.20
N ILE D 244 9.92 -6.04 18.48
CA ILE D 244 9.01 -6.84 17.68
C ILE D 244 8.90 -6.22 16.28
N PRO D 245 9.01 -7.06 15.23
CA PRO D 245 8.85 -6.59 13.84
C PRO D 245 7.49 -5.96 13.64
N PHE D 246 7.46 -4.72 13.15
CA PHE D 246 6.22 -3.97 12.96
C PHE D 246 5.40 -3.93 14.25
N ALA D 247 6.04 -3.52 15.33
CA ALA D 247 5.45 -3.65 16.66
C ALA D 247 4.13 -2.88 16.79
N HIS D 248 3.98 -1.86 15.95
CA HIS D 248 2.83 -0.96 15.98
C HIS D 248 1.64 -1.47 15.15
N LEU D 249 1.84 -2.58 14.46
CA LEU D 249 0.81 -3.14 13.57
C LEU D 249 0.30 -4.47 14.06
N LYS D 250 -0.94 -4.81 13.69
CA LYS D 250 -1.46 -6.13 13.95
C LYS D 250 -0.75 -7.12 13.03
N PRO D 251 -0.70 -8.40 13.42
CA PRO D 251 -0.04 -9.44 12.62
C PRO D 251 -0.48 -9.51 11.16
N ALA D 252 -1.79 -9.58 10.90
CA ALA D 252 -2.27 -9.63 9.53
C ALA D 252 -1.96 -8.31 8.80
N ALA D 253 -2.04 -7.21 9.54
CA ALA D 253 -1.68 -5.91 8.99
C ALA D 253 -0.19 -5.91 8.64
N ALA D 254 0.63 -6.34 9.58
CA ALA D 254 2.07 -6.45 9.37
C ALA D 254 2.40 -7.40 8.23
N ALA D 255 1.55 -8.41 8.04
CA ALA D 255 1.77 -9.39 6.99
C ALA D 255 1.58 -8.78 5.60
N ALA D 256 0.50 -8.00 5.47
CA ALA D 256 0.15 -7.38 4.19
C ALA D 256 1.13 -6.27 3.73
N ASP D 257 1.79 -5.61 4.67
CA ASP D 257 2.77 -4.60 4.32
C ASP D 257 4.11 -5.19 3.86
N MET D 258 4.40 -6.43 4.28
CA MET D 258 5.57 -7.15 3.78
C MET D 258 5.26 -7.83 2.45
N ALA D 259 4.03 -8.29 2.29
CA ALA D 259 3.64 -9.04 1.12
C ALA D 259 3.32 -8.13 -0.06
N TYR D 260 2.46 -7.16 0.18
CA TYR D 260 1.95 -6.31 -0.89
C TYR D 260 2.85 -5.09 -1.18
N HIS D 261 3.27 -4.40 -0.13
CA HIS D 261 3.95 -3.12 -0.28
C HIS D 261 5.47 -3.22 -0.17
N HIS D 262 5.97 -4.46 -0.07
CA HIS D 262 7.40 -4.73 0.03
C HIS D 262 8.09 -3.88 1.10
N ILE D 263 7.40 -3.67 2.22
CA ILE D 263 7.96 -3.00 3.39
C ILE D 263 8.73 -3.98 4.25
N ARG D 264 9.96 -3.62 4.60
CA ARG D 264 10.79 -4.42 5.49
C ARG D 264 11.24 -3.54 6.66
N PRO D 265 11.49 -4.14 7.83
CA PRO D 265 12.01 -3.46 9.01
C PRO D 265 13.21 -2.54 8.72
N PRO D 266 13.38 -1.51 9.55
CA PRO D 266 14.44 -0.51 9.36
C PRO D 266 15.81 -1.00 9.86
N ILE D 267 16.82 -0.86 9.01
CA ILE D 267 18.19 -1.21 9.37
C ILE D 267 18.91 -0.06 10.07
N GLY D 268 18.92 -0.07 11.40
CA GLY D 268 19.59 0.97 12.17
C GLY D 268 21.09 0.92 11.98
N TYR D 269 21.78 2.03 12.25
CA TYR D 269 23.23 2.08 12.08
C TYR D 269 23.95 1.20 13.12
N SER D 270 23.17 0.68 14.07
CA SER D 270 23.66 -0.25 15.08
C SER D 270 23.97 -1.62 14.48
N ILE D 271 22.97 -2.24 13.84
CA ILE D 271 23.10 -3.52 13.16
C ILE D 271 24.31 -3.59 12.22
N PRO D 272 25.27 -4.49 12.53
CA PRO D 272 26.56 -4.67 11.85
C PRO D 272 26.47 -4.72 10.33
N LYS D 273 27.38 -4.02 9.66
CA LYS D 273 27.46 -4.04 8.19
C LYS D 273 27.59 -5.44 7.56
N PRO D 274 28.40 -6.34 8.15
CA PRO D 274 28.46 -7.66 7.50
C PRO D 274 27.14 -8.40 7.60
N ILE D 275 26.51 -8.34 8.76
CA ILE D 275 25.22 -8.99 8.98
C ILE D 275 24.13 -8.40 8.10
N SER D 276 24.07 -7.07 8.02
CA SER D 276 23.00 -6.37 7.31
C SER D 276 22.75 -6.91 5.90
N SER D 277 23.77 -7.43 5.25
CA SER D 277 23.62 -8.00 3.93
C SER D 277 22.73 -9.25 3.97
N LEU D 278 22.97 -10.09 4.97
CA LEU D 278 22.16 -11.28 5.21
C LEU D 278 20.68 -10.95 5.31
N LEU D 279 20.35 -9.94 6.11
CA LEU D 279 18.97 -9.51 6.25
C LEU D 279 18.32 -9.15 4.92
N ILE D 280 18.96 -8.28 4.15
CA ILE D 280 18.45 -7.83 2.87
C ILE D 280 18.16 -9.00 1.92
N ARG D 281 19.14 -9.88 1.80
CA ARG D 281 18.97 -11.08 0.99
C ARG D 281 18.01 -12.05 1.67
N GLY D 282 17.99 -12.00 2.99
CA GLY D 282 17.19 -12.93 3.79
C GLY D 282 15.71 -12.78 3.60
N TRP D 283 15.23 -11.54 3.65
CA TRP D 283 13.80 -11.28 3.50
C TRP D 283 13.49 -10.74 2.11
N ASN D 284 14.28 -11.17 1.14
CA ASN D 284 14.00 -10.88 -0.26
C ASN D 284 12.68 -11.53 -0.67
N ALA D 285 11.79 -10.74 -1.27
CA ALA D 285 10.50 -11.24 -1.74
C ALA D 285 10.61 -12.44 -2.67
N CYS D 286 11.60 -12.44 -3.56
CA CYS D 286 11.84 -13.60 -4.43
C CYS D 286 12.57 -14.67 -3.63
N PRO D 287 11.91 -15.82 -3.41
CA PRO D 287 12.44 -16.90 -2.59
C PRO D 287 13.79 -17.41 -3.10
N GLU D 288 13.90 -17.54 -4.42
CA GLU D 288 15.11 -18.08 -5.05
C GLU D 288 16.32 -17.17 -4.85
N GLY D 289 16.08 -15.96 -4.35
CA GLY D 289 17.15 -15.02 -4.08
C GLY D 289 17.67 -15.12 -2.66
N ARG D 290 16.87 -15.71 -1.78
CA ARG D 290 17.24 -15.86 -0.40
C ARG D 290 18.37 -16.88 -0.29
N PRO D 291 19.25 -16.71 0.71
CA PRO D 291 20.38 -17.65 0.84
C PRO D 291 19.89 -18.96 1.44
N GLU D 292 20.70 -20.01 1.36
CA GLU D 292 20.40 -21.24 2.09
C GLU D 292 20.88 -21.04 3.52
N PHE D 293 20.59 -22.00 4.39
CA PHE D 293 20.92 -21.87 5.81
C PHE D 293 22.37 -22.21 6.14
N SER D 294 23.02 -23.00 5.29
CA SER D 294 24.44 -23.28 5.47
C SER D 294 25.23 -21.99 5.38
N GLU D 295 24.83 -21.13 4.45
CA GLU D 295 25.51 -19.86 4.24
C GLU D 295 25.29 -18.93 5.42
N VAL D 296 24.07 -18.94 5.96
CA VAL D 296 23.74 -18.13 7.13
C VAL D 296 24.59 -18.56 8.32
N VAL D 297 24.73 -19.88 8.48
CA VAL D 297 25.53 -20.45 9.56
C VAL D 297 26.99 -20.00 9.49
N MET D 298 27.59 -20.14 8.31
CA MET D 298 28.99 -19.78 8.10
C MET D 298 29.30 -18.32 8.43
N LYS D 299 28.46 -17.43 7.90
CA LYS D 299 28.69 -15.99 8.05
C LYS D 299 28.57 -15.53 9.49
N LEU D 300 27.59 -16.05 10.20
CA LEU D 300 27.41 -15.73 11.61
C LEU D 300 28.55 -16.28 12.46
N GLU D 301 28.99 -17.49 12.14
CA GLU D 301 30.16 -18.09 12.79
C GLU D 301 31.36 -17.19 12.56
N GLU D 302 31.53 -16.75 11.32
CA GLU D 302 32.61 -15.85 10.94
C GLU D 302 32.51 -14.51 11.69
N CYS D 303 31.29 -14.14 12.05
CA CYS D 303 31.05 -12.92 12.80
C CYS D 303 31.22 -13.14 14.29
N LEU D 304 31.12 -14.39 14.72
CA LEU D 304 31.23 -14.72 16.14
C LEU D 304 32.69 -14.75 16.59
N CYS D 305 33.58 -15.08 15.66
CA CYS D 305 35.01 -15.07 15.92
C CYS D 305 35.51 -13.63 16.02
N ASN D 306 35.04 -12.80 15.10
CA ASN D 306 35.50 -11.42 15.00
C ASN D 306 34.54 -10.41 15.62
N ILE D 307 34.18 -10.60 16.89
CA ILE D 307 33.26 -9.67 17.55
C ILE D 307 33.89 -8.29 17.77
N GLU D 308 35.22 -8.22 17.65
CA GLU D 308 35.95 -6.98 17.90
C GLU D 308 35.72 -5.88 16.85
#